data_5TTE
#
_entry.id   5TTE
#
_cell.length_a   154.234
_cell.length_b   154.234
_cell.length_c   285.501
_cell.angle_alpha   90.00
_cell.angle_beta   90.00
_cell.angle_gamma   120.00
#
_symmetry.space_group_name_H-M   'P 65 2 2'
#
loop_
_entity.id
_entity.type
_entity.pdbx_description
1 polymer 'E3 ubiquitin-protein ligase ARIH1'
2 polymer 'Ubiquitin-conjugating enzyme E2 L3'
3 polymer ubiquitin
4 non-polymer 'ZINC ION'
#
loop_
_entity_poly.entity_id
_entity_poly.type
_entity_poly.pdbx_seq_one_letter_code
_entity_poly.pdbx_strand_id
1 'polypeptide(L)'
;SMDSDEGYNYEFDEDEECSEEDSGAEEEEDEDDDEPDDDTLDLGEVELVEPGLGVGGERDGLLCGETGGGGGSALGPGGG
GGGGGGGGGGGPGHEQEEDYRYEVLTAEQILQHMVECIREVNEVIQNPATITRILLSHFNWDKEKLMERYFDGNLEKLFA
ECHVINPSKKSRTRQMNTRSSAQDMPCQICYLNYPNSYFTGLECGHKFCMQCWSEYLTTKIMEEGMGQTISCPAHGCDIL
VDDNTVMRLITDSKVKLKYQHLITNSFVECNRLLKWCPAPDCHHVVKVQYPDAKPVRCKCGRQFCFNCGENWHDPVKCKW
LKKWIKKCDDDSETSNWIAANTKECPKCHVTIEKDGGCNHMVCRNQNCKAEFCWVCLGPWEPHGSAWYNCNRYNEDDAKA
ARDAQERSRAALQRYLFYCNRYMNHMQSLRFEHKLYAQVKQKMEEMQQHNMSWIEVQFLKKAVDVLCQCRATLMYTYVFA
FYLKKNNQSIIFENNQADLENATEVLSGYLERDISQDSLQDIKQKVQDKYRYCESRRRVLLQHVHEGYEKDLWEYIED
;
B
2 'polypeptide(L)'
;MAASRRLMKELEEIRKSGMKNFRNIQVDEANLLTWQGLIVPDNPPYDKGAFRIEINFPAEYPFKPPKITFKTKIYHPNID
EKGQVKLPVISAENWKPATKTDQVIQSLIALVNDPQPEHPLRADLAEEYSKDRKKFCKNAEEFTKKYGEKRPVDKLAAAL
EHHHHHH
;
E
3 'polypeptide(L)'
;MHHHHHHGSHMQIFVRTLTGRTITLEVESSDTIDNVRARIQDREGIPPDQQRLIFAGRQLEDGRTLADYNIQRESTLHLV
LRLRGG
;
F
#
loop_
_chem_comp.id
_chem_comp.type
_chem_comp.name
_chem_comp.formula
ZN non-polymer 'ZINC ION' 'Zn 2'
#
# COMPACT_ATOMS: atom_id res chain seq x y z
N ARG A 101 23.45 -19.01 -9.36
CA ARG A 101 22.66 -18.91 -8.14
C ARG A 101 22.17 -17.48 -7.91
N TYR A 102 22.50 -16.57 -8.83
CA TYR A 102 22.18 -15.16 -8.64
C TYR A 102 22.10 -14.47 -9.98
N GLU A 103 20.99 -13.75 -10.20
CA GLU A 103 20.83 -12.87 -11.35
C GLU A 103 19.95 -11.71 -10.93
N VAL A 104 20.34 -10.49 -11.30
CA VAL A 104 19.60 -9.29 -10.95
C VAL A 104 19.17 -8.60 -12.24
N LEU A 105 17.88 -8.33 -12.36
CA LEU A 105 17.32 -7.67 -13.53
C LEU A 105 16.74 -6.32 -13.14
N THR A 106 16.56 -5.47 -14.15
CA THR A 106 15.99 -4.15 -13.93
C THR A 106 14.47 -4.21 -13.98
N ALA A 107 13.83 -3.10 -13.62
CA ALA A 107 12.38 -3.03 -13.67
C ALA A 107 11.87 -3.19 -15.10
N GLU A 108 12.45 -2.44 -16.03
CA GLU A 108 12.01 -2.50 -17.43
C GLU A 108 12.36 -3.84 -18.07
N GLN A 109 13.45 -4.47 -17.65
CA GLN A 109 13.80 -5.79 -18.16
C GLN A 109 12.67 -6.78 -17.93
N ILE A 110 12.12 -6.79 -16.71
CA ILE A 110 10.96 -7.63 -16.43
C ILE A 110 9.78 -7.21 -17.30
N LEU A 111 9.53 -5.91 -17.38
CA LEU A 111 8.39 -5.41 -18.15
C LEU A 111 8.50 -5.84 -19.61
N GLN A 112 9.71 -5.89 -20.15
CA GLN A 112 9.89 -6.38 -21.51
C GLN A 112 9.56 -7.87 -21.61
N HIS A 113 10.06 -8.66 -20.67
CA HIS A 113 9.75 -10.09 -20.66
C HIS A 113 8.27 -10.37 -20.40
N MET A 114 7.57 -9.42 -19.80
CA MET A 114 6.14 -9.54 -19.53
C MET A 114 5.30 -9.08 -20.71
N VAL A 115 5.65 -7.94 -21.31
CA VAL A 115 4.88 -7.44 -22.44
C VAL A 115 5.02 -8.39 -23.64
N GLU A 116 6.13 -9.12 -23.72
CA GLU A 116 6.27 -10.12 -24.77
C GLU A 116 5.30 -11.29 -24.55
N CYS A 117 5.15 -11.72 -23.30
CA CYS A 117 4.15 -12.74 -22.99
C CYS A 117 2.73 -12.21 -23.25
N ILE A 118 2.49 -10.93 -22.95
CA ILE A 118 1.19 -10.33 -23.22
C ILE A 118 0.92 -10.32 -24.72
N ARG A 119 1.96 -10.17 -25.54
CA ARG A 119 1.76 -10.06 -26.98
C ARG A 119 1.32 -11.39 -27.58
N GLU A 120 2.01 -12.48 -27.23
CA GLU A 120 1.66 -13.78 -27.81
C GLU A 120 0.32 -14.27 -27.30
N VAL A 121 0.01 -14.03 -26.02
CA VAL A 121 -1.29 -14.38 -25.48
C VAL A 121 -2.38 -13.58 -26.17
N ASN A 122 -2.08 -12.36 -26.59
CA ASN A 122 -3.10 -11.45 -27.09
C ASN A 122 -3.53 -11.78 -28.52
N GLU A 123 -2.60 -12.25 -29.36
CA GLU A 123 -2.93 -12.42 -30.77
C GLU A 123 -3.99 -13.49 -31.02
N VAL A 124 -4.17 -14.43 -30.08
CA VAL A 124 -5.31 -15.32 -30.19
C VAL A 124 -6.54 -14.68 -29.57
N ILE A 125 -6.36 -13.84 -28.54
CA ILE A 125 -7.49 -13.21 -27.87
C ILE A 125 -7.93 -11.95 -28.58
N GLN A 126 -6.96 -11.18 -29.09
CA GLN A 126 -7.23 -9.89 -29.74
C GLN A 126 -7.98 -8.95 -28.80
N ASN A 127 -7.27 -8.51 -27.77
CA ASN A 127 -7.79 -7.52 -26.83
C ASN A 127 -6.75 -6.43 -26.64
N PRO A 128 -7.19 -5.17 -26.46
CA PRO A 128 -6.25 -4.08 -26.18
C PRO A 128 -5.22 -4.46 -25.12
N ALA A 129 -3.95 -4.14 -25.38
CA ALA A 129 -2.87 -4.65 -24.56
C ALA A 129 -3.05 -4.29 -23.09
N THR A 130 -3.76 -3.19 -22.80
CA THR A 130 -4.04 -2.86 -21.42
C THR A 130 -5.02 -3.85 -20.80
N ILE A 131 -6.01 -4.30 -21.57
CA ILE A 131 -7.00 -5.24 -21.04
C ILE A 131 -6.33 -6.56 -20.68
N THR A 132 -5.60 -7.15 -21.63
CA THR A 132 -4.97 -8.44 -21.40
C THR A 132 -3.97 -8.39 -20.25
N ARG A 133 -3.45 -7.20 -19.92
CA ARG A 133 -2.63 -7.07 -18.72
C ARG A 133 -3.44 -7.41 -17.47
N ILE A 134 -4.68 -6.92 -17.41
CA ILE A 134 -5.55 -7.21 -16.27
C ILE A 134 -5.89 -8.70 -16.22
N LEU A 135 -6.42 -9.22 -17.34
CA LEU A 135 -6.95 -10.58 -17.36
C LEU A 135 -5.91 -11.59 -16.92
N LEU A 136 -4.67 -11.45 -17.39
CA LEU A 136 -3.62 -12.37 -16.99
C LEU A 136 -3.24 -12.17 -15.53
N SER A 137 -3.16 -10.91 -15.08
CA SER A 137 -2.92 -10.65 -13.67
C SER A 137 -4.08 -11.12 -12.81
N HIS A 138 -5.26 -11.31 -13.41
CA HIS A 138 -6.37 -11.92 -12.69
C HIS A 138 -6.20 -13.43 -12.60
N PHE A 139 -5.78 -14.07 -13.69
CA PHE A 139 -5.49 -15.50 -13.70
C PHE A 139 -4.11 -15.82 -13.14
N ASN A 140 -3.52 -14.93 -12.35
CA ASN A 140 -2.22 -15.16 -11.70
C ASN A 140 -1.14 -15.55 -12.70
N TRP A 141 -1.22 -14.97 -13.90
CA TRP A 141 -0.22 -15.17 -14.96
C TRP A 141 -0.06 -16.64 -15.31
N ASP A 142 -1.18 -17.37 -15.30
CA ASP A 142 -1.23 -18.74 -15.82
C ASP A 142 -1.79 -18.63 -17.23
N LYS A 143 -0.88 -18.55 -18.21
CA LYS A 143 -1.29 -18.31 -19.60
C LYS A 143 -2.34 -19.32 -20.06
N GLU A 144 -2.15 -20.59 -19.72
CA GLU A 144 -3.07 -21.62 -20.18
C GLU A 144 -4.46 -21.43 -19.62
N LYS A 145 -4.57 -20.93 -18.38
CA LYS A 145 -5.87 -20.83 -17.74
C LYS A 145 -6.74 -19.77 -18.39
N LEU A 146 -6.15 -18.64 -18.79
CA LEU A 146 -6.92 -17.63 -19.50
C LEU A 146 -7.33 -18.13 -20.88
N MET A 147 -6.47 -18.92 -21.53
CA MET A 147 -6.83 -19.51 -22.81
C MET A 147 -8.09 -20.37 -22.69
N GLU A 148 -8.13 -21.25 -21.68
CA GLU A 148 -9.29 -22.12 -21.48
C GLU A 148 -10.56 -21.30 -21.34
N ARG A 149 -10.58 -20.37 -20.38
CA ARG A 149 -11.76 -19.53 -20.16
C ARG A 149 -12.17 -18.82 -21.44
N TYR A 150 -11.20 -18.35 -22.22
CA TYR A 150 -11.53 -17.65 -23.45
C TYR A 150 -12.00 -18.61 -24.53
N PHE A 151 -11.40 -19.81 -24.59
CA PHE A 151 -11.89 -20.81 -25.54
C PHE A 151 -13.25 -21.36 -25.13
N ASP A 152 -13.62 -21.24 -23.85
CA ASP A 152 -14.99 -21.49 -23.44
C ASP A 152 -15.83 -20.23 -23.67
N GLY A 153 -16.86 -20.03 -22.88
CA GLY A 153 -17.70 -18.86 -23.04
C GLY A 153 -17.64 -17.91 -21.85
N ASN A 154 -18.72 -17.18 -21.62
CA ASN A 154 -18.91 -16.35 -20.43
C ASN A 154 -17.76 -15.36 -20.25
N LEU A 155 -17.67 -14.45 -21.23
CA LEU A 155 -16.65 -13.41 -21.20
C LEU A 155 -17.13 -12.15 -20.52
N GLU A 156 -18.41 -11.79 -20.70
CA GLU A 156 -18.92 -10.57 -20.09
C GLU A 156 -18.82 -10.62 -18.58
N LYS A 157 -18.95 -11.82 -18.00
CA LYS A 157 -18.74 -11.99 -16.57
C LYS A 157 -17.28 -11.73 -16.22
N LEU A 158 -16.35 -12.25 -17.03
CA LEU A 158 -14.93 -12.02 -16.80
C LEU A 158 -14.60 -10.54 -16.85
N PHE A 159 -15.13 -9.82 -17.85
CA PHE A 159 -14.91 -8.39 -17.94
C PHE A 159 -15.56 -7.66 -16.77
N ALA A 160 -16.75 -8.09 -16.37
CA ALA A 160 -17.43 -7.45 -15.25
C ALA A 160 -16.70 -7.75 -13.94
N GLU A 161 -16.24 -9.00 -13.75
CA GLU A 161 -15.58 -9.36 -12.50
C GLU A 161 -14.25 -8.65 -12.37
N CYS A 162 -13.48 -8.54 -13.46
CA CYS A 162 -12.21 -7.83 -13.43
C CYS A 162 -12.38 -6.32 -13.57
N HIS A 163 -13.60 -5.83 -13.77
CA HIS A 163 -13.90 -4.40 -13.86
C HIS A 163 -13.05 -3.73 -14.94
N VAL A 164 -13.40 -4.06 -16.19
CA VAL A 164 -12.64 -3.65 -17.36
C VAL A 164 -13.50 -3.76 -18.61
N ILE A 165 -13.49 -2.72 -19.44
CA ILE A 165 -14.37 -2.63 -20.60
C ILE A 165 -13.53 -2.26 -21.83
N ASN A 166 -13.83 -2.90 -22.97
CA ASN A 166 -13.11 -2.58 -24.20
C ASN A 166 -13.64 -1.26 -24.79
N PRO A 167 -12.78 -0.48 -25.43
CA PRO A 167 -13.23 0.75 -26.08
C PRO A 167 -13.60 0.51 -27.53
N SER A 168 -14.51 1.36 -28.01
CA SER A 168 -14.89 1.33 -29.41
C SER A 168 -13.67 1.64 -30.27
N LYS A 169 -13.33 0.70 -31.16
CA LYS A 169 -12.08 0.80 -31.91
C LYS A 169 -12.09 2.05 -32.79
N LYS A 170 -11.00 2.81 -32.74
CA LYS A 170 -10.93 4.12 -33.37
C LYS A 170 -10.93 4.03 -34.90
N SER A 171 -10.55 2.88 -35.46
CA SER A 171 -10.36 2.78 -36.91
C SER A 171 -11.63 3.15 -37.68
N ARG A 172 -12.80 2.83 -37.13
CA ARG A 172 -14.05 3.08 -37.81
C ARG A 172 -14.34 4.58 -37.83
N THR A 173 -15.32 4.98 -38.65
CA THR A 173 -15.62 6.39 -38.94
C THR A 173 -14.43 7.09 -39.57
N SER A 181 -6.03 22.96 -35.54
CA SER A 181 -4.87 22.27 -34.98
C SER A 181 -4.11 23.17 -34.03
N ALA A 182 -4.27 24.48 -34.22
CA ALA A 182 -3.66 25.49 -33.35
C ALA A 182 -4.73 26.44 -32.83
N GLN A 183 -5.87 25.89 -32.40
CA GLN A 183 -6.98 26.68 -31.90
C GLN A 183 -7.13 26.45 -30.40
N ASP A 184 -7.58 27.50 -29.70
CA ASP A 184 -7.68 27.47 -28.24
C ASP A 184 -8.98 26.79 -27.83
N MET A 185 -8.93 25.44 -27.67
CA MET A 185 -10.12 24.83 -27.09
C MET A 185 -9.98 24.79 -25.58
N PRO A 186 -11.07 25.00 -24.84
CA PRO A 186 -10.99 25.00 -23.37
C PRO A 186 -10.73 23.60 -22.83
N CYS A 187 -9.86 23.53 -21.83
CA CYS A 187 -9.68 22.28 -21.11
C CYS A 187 -10.84 22.06 -20.15
N GLN A 188 -11.12 20.79 -19.86
CA GLN A 188 -12.28 20.45 -19.04
C GLN A 188 -11.90 19.93 -17.65
N ILE A 189 -10.62 19.95 -17.29
CA ILE A 189 -10.22 19.63 -15.92
C ILE A 189 -9.74 20.87 -15.17
N CYS A 190 -9.10 21.81 -15.86
CA CYS A 190 -8.64 23.05 -15.25
C CYS A 190 -9.34 24.29 -15.77
N TYR A 191 -10.05 24.18 -16.90
CA TYR A 191 -10.76 25.30 -17.52
C TYR A 191 -9.81 26.40 -17.97
N LEU A 192 -8.77 25.99 -18.69
CA LEU A 192 -7.83 26.91 -19.32
C LEU A 192 -7.90 26.77 -20.84
N ASN A 193 -7.38 27.79 -21.52
CA ASN A 193 -7.42 27.87 -22.98
C ASN A 193 -6.02 27.59 -23.53
N TYR A 194 -5.85 26.43 -24.16
CA TYR A 194 -4.59 26.03 -24.75
C TYR A 194 -4.83 25.50 -26.15
N PRO A 195 -3.84 25.62 -27.04
CA PRO A 195 -4.00 25.08 -28.40
C PRO A 195 -4.10 23.56 -28.39
N ASN A 196 -4.66 23.02 -29.48
CA ASN A 196 -4.88 21.58 -29.59
C ASN A 196 -3.58 20.80 -29.46
N SER A 197 -2.44 21.43 -29.74
CA SER A 197 -1.16 20.76 -29.60
C SER A 197 -0.92 20.29 -28.17
N TYR A 198 -1.60 20.89 -27.19
CA TYR A 198 -1.40 20.53 -25.80
C TYR A 198 -2.27 19.36 -25.34
N PHE A 199 -3.35 19.07 -26.06
CA PHE A 199 -4.31 18.07 -25.63
C PHE A 199 -3.98 16.70 -26.22
N THR A 200 -4.01 15.67 -25.38
CA THR A 200 -3.91 14.29 -25.82
C THR A 200 -4.90 13.46 -25.02
N GLY A 201 -5.57 12.52 -25.70
CA GLY A 201 -6.59 11.72 -25.07
C GLY A 201 -6.50 10.27 -25.47
N LEU A 202 -7.22 9.44 -24.73
CA LEU A 202 -7.19 7.99 -24.92
C LEU A 202 -8.17 7.59 -26.02
N GLU A 203 -8.50 6.29 -26.08
CA GLU A 203 -9.32 5.76 -27.16
C GLU A 203 -10.73 6.33 -27.16
N CYS A 204 -11.22 6.76 -26.02
CA CYS A 204 -12.59 7.27 -25.91
C CYS A 204 -12.79 8.59 -26.64
N GLY A 205 -11.73 9.36 -26.86
CA GLY A 205 -11.85 10.69 -27.41
C GLY A 205 -11.85 11.80 -26.38
N HIS A 206 -11.67 11.48 -25.10
CA HIS A 206 -11.58 12.50 -24.05
C HIS A 206 -10.20 13.13 -24.10
N LYS A 207 -10.10 14.31 -24.70
CA LYS A 207 -8.83 15.02 -24.81
C LYS A 207 -8.68 15.99 -23.64
N PHE A 208 -7.53 15.91 -22.96
CA PHE A 208 -7.22 16.78 -21.83
C PHE A 208 -5.80 17.30 -21.99
N CYS A 209 -5.56 18.47 -21.40
CA CYS A 209 -4.25 19.10 -21.52
C CYS A 209 -3.18 18.23 -20.86
N MET A 210 -1.99 18.22 -21.45
CA MET A 210 -0.92 17.38 -20.91
C MET A 210 -0.52 17.81 -19.51
N GLN A 211 -0.78 19.07 -19.15
CA GLN A 211 -0.51 19.53 -17.79
C GLN A 211 -1.36 18.76 -16.79
N CYS A 212 -2.69 18.77 -16.98
CA CYS A 212 -3.57 18.08 -16.04
C CYS A 212 -3.36 16.58 -16.07
N TRP A 213 -3.09 16.03 -17.26
CA TRP A 213 -2.76 14.61 -17.36
C TRP A 213 -1.60 14.25 -16.44
N SER A 214 -0.57 15.10 -16.40
CA SER A 214 0.62 14.80 -15.60
C SER A 214 0.28 14.80 -14.11
N GLU A 215 -0.54 15.75 -13.65
CA GLU A 215 -0.93 15.78 -12.24
C GLU A 215 -1.80 14.57 -11.89
N TYR A 216 -2.74 14.22 -12.76
CA TYR A 216 -3.63 13.10 -12.50
C TYR A 216 -2.85 11.79 -12.44
N LEU A 217 -2.06 11.50 -13.49
CA LEU A 217 -1.33 10.23 -13.51
C LEU A 217 -0.39 10.11 -12.32
N THR A 218 0.30 11.19 -11.97
CA THR A 218 1.22 11.13 -10.84
C THR A 218 0.48 10.99 -9.52
N THR A 219 -0.60 11.76 -9.34
CA THR A 219 -1.33 11.68 -8.07
C THR A 219 -1.99 10.33 -7.86
N LYS A 220 -2.18 9.55 -8.92
CA LYS A 220 -2.69 8.20 -8.74
C LYS A 220 -1.58 7.21 -8.42
N ILE A 221 -0.39 7.41 -8.97
CA ILE A 221 0.73 6.54 -8.67
C ILE A 221 1.29 6.84 -7.28
N MET A 222 1.39 8.13 -6.92
CA MET A 222 2.11 8.50 -5.70
C MET A 222 1.22 8.44 -4.47
N GLU A 223 -0.07 8.72 -4.60
CA GLU A 223 -0.97 8.63 -3.46
C GLU A 223 -1.29 7.17 -3.18
N GLU A 224 -2.50 6.88 -2.68
CA GLU A 224 -2.91 5.51 -2.46
C GLU A 224 -2.76 4.72 -3.76
N GLY A 225 -1.74 3.85 -3.79
CA GLY A 225 -1.30 3.18 -4.99
C GLY A 225 -2.37 2.56 -5.86
N MET A 226 -2.45 3.00 -7.11
CA MET A 226 -3.33 2.40 -8.11
C MET A 226 -2.47 1.47 -8.95
N GLY A 227 -2.58 0.17 -8.70
CA GLY A 227 -1.77 -0.81 -9.40
C GLY A 227 -2.39 -1.26 -10.70
N GLN A 228 -1.71 -0.94 -11.82
CA GLN A 228 -2.09 -1.43 -13.15
C GLN A 228 -3.37 -0.78 -13.68
N THR A 229 -4.27 -0.37 -12.78
CA THR A 229 -5.62 -0.02 -13.17
C THR A 229 -5.91 1.48 -13.12
N ILE A 230 -5.21 2.28 -13.92
CA ILE A 230 -5.53 3.68 -14.09
C ILE A 230 -6.48 3.83 -15.27
N SER A 231 -7.45 4.71 -15.15
CA SER A 231 -8.44 4.92 -16.20
C SER A 231 -8.47 6.38 -16.62
N CYS A 232 -9.05 6.63 -17.79
CA CYS A 232 -9.17 8.00 -18.27
C CYS A 232 -9.95 8.84 -17.26
N PRO A 233 -9.48 9.95 -16.91
CA PRO A 233 -10.12 10.75 -15.84
C PRO A 233 -11.25 11.63 -16.34
N ALA A 234 -12.29 11.00 -16.91
CA ALA A 234 -13.43 11.72 -17.46
C ALA A 234 -14.74 11.12 -16.96
N HIS A 235 -14.98 11.26 -15.66
CA HIS A 235 -16.23 10.84 -15.06
C HIS A 235 -16.56 9.38 -15.33
N GLY A 236 -17.44 9.13 -16.29
CA GLY A 236 -17.88 7.77 -16.56
C GLY A 236 -16.85 6.92 -17.26
N CYS A 237 -15.79 7.51 -17.79
CA CYS A 237 -14.82 6.76 -18.56
C CYS A 237 -14.05 5.81 -17.66
N ASP A 238 -14.03 4.54 -18.04
CA ASP A 238 -13.32 3.51 -17.30
C ASP A 238 -12.29 2.77 -18.15
N ILE A 239 -11.95 3.30 -19.33
CA ILE A 239 -11.00 2.63 -20.22
C ILE A 239 -9.59 2.88 -19.72
N LEU A 240 -8.76 1.83 -19.76
CA LEU A 240 -7.43 1.86 -19.14
C LEU A 240 -6.52 2.87 -19.83
N VAL A 241 -5.41 3.17 -19.16
CA VAL A 241 -4.36 4.04 -19.68
C VAL A 241 -3.17 3.16 -20.05
N ASP A 242 -2.76 3.23 -21.32
CA ASP A 242 -1.67 2.38 -21.78
C ASP A 242 -0.35 2.79 -21.15
N ASP A 243 0.59 1.84 -21.13
CA ASP A 243 1.90 2.11 -20.56
C ASP A 243 2.61 3.22 -21.32
N ASN A 244 2.40 3.30 -22.64
CA ASN A 244 3.10 4.29 -23.44
C ASN A 244 2.71 5.70 -23.05
N THR A 245 1.41 5.99 -23.00
CA THR A 245 0.96 7.35 -22.69
C THR A 245 1.22 7.74 -21.24
N VAL A 246 1.75 6.84 -20.42
CA VAL A 246 2.25 7.21 -19.10
C VAL A 246 3.71 7.61 -19.17
N MET A 247 4.52 6.82 -19.87
CA MET A 247 5.93 7.15 -20.03
C MET A 247 6.12 8.40 -20.87
N ARG A 248 5.13 8.78 -21.67
CA ARG A 248 5.25 9.97 -22.50
C ARG A 248 4.80 11.23 -21.79
N LEU A 249 3.89 11.11 -20.81
CA LEU A 249 3.32 12.26 -20.14
C LEU A 249 3.91 12.51 -18.76
N ILE A 250 4.84 11.69 -18.31
CA ILE A 250 5.50 11.86 -17.02
C ILE A 250 6.98 12.12 -17.26
N THR A 251 7.52 13.14 -16.61
CA THR A 251 8.93 13.49 -16.68
C THR A 251 9.71 12.98 -15.48
N ASP A 252 9.14 13.09 -14.28
CA ASP A 252 9.77 12.63 -13.05
C ASP A 252 10.08 11.14 -13.16
N SER A 253 11.37 10.79 -13.19
CA SER A 253 11.73 9.39 -13.38
C SER A 253 11.40 8.55 -12.15
N LYS A 254 11.35 9.17 -10.97
CA LYS A 254 11.01 8.42 -9.76
C LYS A 254 9.57 7.94 -9.81
N VAL A 255 8.67 8.76 -10.37
CA VAL A 255 7.31 8.30 -10.64
C VAL A 255 7.32 7.23 -11.71
N LYS A 256 7.95 7.53 -12.86
CA LYS A 256 8.00 6.57 -13.96
C LYS A 256 8.54 5.22 -13.51
N LEU A 257 9.50 5.24 -12.58
CA LEU A 257 10.05 3.98 -12.09
C LEU A 257 9.09 3.27 -11.16
N LYS A 258 8.32 4.03 -10.37
CA LYS A 258 7.34 3.41 -9.49
C LYS A 258 6.18 2.80 -10.27
N TYR A 259 5.65 3.55 -11.24
CA TYR A 259 4.63 2.99 -12.13
C TYR A 259 5.15 1.75 -12.85
N GLN A 260 6.42 1.80 -13.29
CA GLN A 260 7.03 0.64 -13.92
C GLN A 260 7.20 -0.52 -12.94
N HIS A 261 7.01 -0.29 -11.64
CA HIS A 261 7.02 -1.35 -10.64
C HIS A 261 5.62 -1.84 -10.33
N LEU A 262 4.64 -0.93 -10.31
CA LEU A 262 3.26 -1.33 -10.03
C LEU A 262 2.72 -2.27 -11.10
N ILE A 263 2.76 -1.83 -12.36
CA ILE A 263 2.18 -2.62 -13.45
C ILE A 263 2.91 -3.93 -13.69
N THR A 264 4.11 -4.08 -13.16
CA THR A 264 4.86 -5.33 -13.28
C THR A 264 4.85 -6.13 -11.99
N ASN A 265 4.24 -5.61 -10.93
CA ASN A 265 4.30 -6.28 -9.64
C ASN A 265 3.66 -7.66 -9.68
N SER A 266 2.43 -7.75 -10.22
CA SER A 266 1.73 -9.02 -10.27
C SER A 266 2.54 -10.09 -10.98
N PHE A 267 3.23 -9.71 -12.05
CA PHE A 267 4.03 -10.66 -12.83
C PHE A 267 5.17 -11.25 -12.01
N VAL A 268 5.59 -10.56 -10.94
CA VAL A 268 6.74 -10.98 -10.15
C VAL A 268 6.32 -11.95 -9.05
N GLU A 269 5.38 -11.51 -8.20
CA GLU A 269 4.95 -12.35 -7.08
C GLU A 269 4.38 -13.67 -7.57
N CYS A 270 3.63 -13.64 -8.69
CA CYS A 270 3.07 -14.85 -9.24
C CYS A 270 4.12 -15.75 -9.87
N ASN A 271 5.37 -15.29 -9.98
CA ASN A 271 6.46 -16.09 -10.52
C ASN A 271 7.31 -16.62 -9.37
N ARG A 272 7.58 -17.92 -9.38
CA ARG A 272 8.31 -18.53 -8.29
C ARG A 272 9.78 -18.12 -8.28
N LEU A 273 10.35 -17.84 -9.44
CA LEU A 273 11.77 -17.55 -9.55
C LEU A 273 12.08 -16.06 -9.49
N LEU A 274 11.12 -15.23 -9.11
CA LEU A 274 11.31 -13.79 -9.06
C LEU A 274 10.94 -13.25 -7.69
N LYS A 275 11.64 -12.18 -7.29
CA LYS A 275 11.37 -11.52 -6.03
C LYS A 275 11.99 -10.13 -6.08
N TRP A 276 11.27 -9.15 -5.55
CA TRP A 276 11.76 -7.78 -5.50
C TRP A 276 12.85 -7.65 -4.44
N CYS A 277 13.41 -6.45 -4.33
CA CYS A 277 14.33 -6.20 -3.24
C CYS A 277 13.66 -5.29 -2.21
N PRO A 278 13.83 -5.58 -0.91
CA PRO A 278 13.17 -4.77 0.12
C PRO A 278 13.66 -3.32 0.18
N ALA A 279 14.61 -2.96 -0.68
CA ALA A 279 15.09 -1.58 -0.72
C ALA A 279 13.93 -0.64 -1.05
N PRO A 280 13.84 0.52 -0.39
CA PRO A 280 12.64 1.35 -0.51
C PRO A 280 12.32 1.81 -1.92
N ASP A 281 13.24 2.56 -2.54
CA ASP A 281 13.01 3.11 -3.87
C ASP A 281 13.75 2.37 -4.97
N CYS A 282 14.46 1.29 -4.64
CA CYS A 282 15.08 0.47 -5.66
C CYS A 282 14.05 -0.51 -6.22
N HIS A 283 13.81 -0.45 -7.52
CA HIS A 283 12.83 -1.30 -8.18
C HIS A 283 13.56 -2.27 -9.11
N HIS A 284 14.21 -3.26 -8.50
CA HIS A 284 14.94 -4.28 -9.24
C HIS A 284 14.53 -5.65 -8.73
N VAL A 285 14.72 -6.67 -9.58
CA VAL A 285 14.27 -8.02 -9.30
C VAL A 285 15.46 -8.96 -9.31
N VAL A 286 15.45 -9.91 -8.38
CA VAL A 286 16.44 -10.99 -8.34
C VAL A 286 15.82 -12.23 -8.98
N LYS A 287 16.56 -12.89 -9.86
CA LYS A 287 16.13 -14.13 -10.49
C LYS A 287 17.09 -15.23 -10.10
N VAL A 288 16.54 -16.32 -9.57
CA VAL A 288 17.33 -17.48 -9.15
C VAL A 288 16.88 -18.68 -9.96
N GLN A 289 17.68 -19.74 -9.88
CA GLN A 289 17.33 -20.99 -10.55
C GLN A 289 16.25 -21.76 -9.80
N TYR A 290 16.18 -21.61 -8.48
CA TYR A 290 15.15 -22.28 -7.70
C TYR A 290 15.09 -21.62 -6.33
N PRO A 291 13.89 -21.54 -5.72
CA PRO A 291 13.79 -21.01 -4.36
C PRO A 291 14.49 -21.89 -3.34
N ASP A 292 15.56 -21.38 -2.72
CA ASP A 292 16.36 -22.16 -1.79
C ASP A 292 16.49 -21.50 -0.42
N ALA A 293 15.76 -20.41 -0.18
CA ALA A 293 15.85 -19.65 1.07
C ALA A 293 17.28 -19.20 1.34
N LYS A 294 18.00 -18.85 0.28
CA LYS A 294 19.37 -18.39 0.33
C LYS A 294 19.46 -16.89 0.13
N PRO A 295 20.49 -16.24 0.66
CA PRO A 295 20.62 -14.79 0.47
C PRO A 295 21.10 -14.45 -0.93
N VAL A 296 20.82 -13.21 -1.33
CA VAL A 296 21.17 -12.73 -2.66
C VAL A 296 21.62 -11.28 -2.57
N ARG A 297 22.43 -10.87 -3.55
CA ARG A 297 22.87 -9.48 -3.66
C ARG A 297 21.91 -8.73 -4.58
N CYS A 298 21.59 -7.50 -4.20
CA CYS A 298 20.56 -6.73 -4.86
C CYS A 298 21.09 -5.72 -5.85
N LYS A 299 22.42 -5.68 -6.07
CA LYS A 299 23.11 -4.65 -6.84
C LYS A 299 23.20 -3.36 -6.03
N CYS A 300 22.24 -3.15 -5.12
CA CYS A 300 22.43 -2.27 -3.98
C CYS A 300 22.65 -3.15 -2.76
N GLY A 301 23.64 -2.82 -1.95
CA GLY A 301 24.12 -3.69 -0.90
C GLY A 301 23.09 -4.26 0.05
N ARG A 302 22.10 -4.97 -0.48
CA ARG A 302 21.02 -5.56 0.30
C ARG A 302 21.08 -7.08 0.16
N GLN A 303 21.30 -7.76 1.27
CA GLN A 303 21.39 -9.21 1.32
C GLN A 303 20.12 -9.72 2.00
N PHE A 304 19.11 -10.03 1.20
CA PHE A 304 17.83 -10.47 1.72
C PHE A 304 17.57 -11.93 1.36
N CYS A 305 16.87 -12.62 2.27
CA CYS A 305 16.48 -14.01 2.02
C CYS A 305 15.48 -14.07 0.88
N PHE A 306 15.79 -14.88 -0.14
CA PHE A 306 14.93 -14.96 -1.31
C PHE A 306 13.57 -15.58 -0.97
N ASN A 307 13.52 -16.45 0.03
CA ASN A 307 12.28 -17.13 0.39
C ASN A 307 11.29 -16.16 1.03
N CYS A 308 11.54 -15.80 2.29
CA CYS A 308 10.61 -14.94 3.02
C CYS A 308 10.59 -13.54 2.42
N GLY A 309 11.74 -12.89 2.32
CA GLY A 309 11.83 -11.52 1.85
C GLY A 309 12.39 -10.55 2.85
N GLU A 310 12.76 -10.98 4.05
CA GLU A 310 13.36 -10.12 5.05
C GLU A 310 14.88 -10.13 4.89
N ASN A 311 15.57 -9.43 5.79
CA ASN A 311 17.03 -9.48 5.81
C ASN A 311 17.50 -10.91 6.09
N TRP A 312 18.76 -11.16 5.77
CA TRP A 312 19.30 -12.52 5.82
C TRP A 312 19.33 -13.03 7.25
N HIS A 313 18.52 -14.05 7.53
CA HIS A 313 18.34 -14.61 8.87
C HIS A 313 19.01 -15.98 8.90
N ASP A 314 20.34 -15.96 9.06
CA ASP A 314 21.12 -17.19 8.97
C ASP A 314 20.76 -18.22 10.04
N PRO A 315 20.71 -17.89 11.34
CA PRO A 315 20.46 -18.94 12.34
C PRO A 315 19.02 -19.45 12.33
N VAL A 316 18.05 -18.53 12.30
CA VAL A 316 16.66 -18.88 12.47
C VAL A 316 16.04 -19.28 11.13
N LYS A 317 14.97 -20.05 11.20
CA LYS A 317 14.19 -20.38 10.01
C LYS A 317 13.36 -19.18 9.58
N CYS A 318 12.83 -19.26 8.37
CA CYS A 318 12.04 -18.15 7.82
C CYS A 318 10.74 -17.97 8.58
N LYS A 319 10.00 -19.06 8.81
CA LYS A 319 8.67 -18.95 9.38
C LYS A 319 8.69 -18.37 10.79
N TRP A 320 9.79 -18.58 11.53
CA TRP A 320 9.84 -18.10 12.90
C TRP A 320 10.00 -16.58 12.94
N LEU A 321 10.86 -16.03 12.08
CA LEU A 321 11.07 -14.59 12.07
C LEU A 321 9.79 -13.84 11.72
N LYS A 322 8.98 -14.40 10.81
CA LYS A 322 7.69 -13.79 10.51
C LYS A 322 6.82 -13.70 11.75
N LYS A 323 6.78 -14.78 12.54
CA LYS A 323 6.01 -14.75 13.78
C LYS A 323 6.55 -13.71 14.75
N TRP A 324 7.85 -13.47 14.73
CA TRP A 324 8.44 -12.47 15.62
C TRP A 324 7.95 -11.08 15.27
N ILE A 325 8.21 -10.64 14.04
CA ILE A 325 7.82 -9.30 13.62
C ILE A 325 6.32 -9.10 13.83
N LYS A 326 5.52 -10.06 13.37
CA LYS A 326 4.07 -9.97 13.53
C LYS A 326 3.69 -9.83 14.99
N LYS A 327 4.38 -10.55 15.89
CA LYS A 327 4.07 -10.43 17.31
C LYS A 327 4.42 -9.05 17.85
N CYS A 328 5.57 -8.52 17.44
CA CYS A 328 5.98 -7.21 17.92
C CYS A 328 5.07 -6.11 17.38
N ASP A 329 4.82 -6.11 16.07
CA ASP A 329 4.03 -5.05 15.47
C ASP A 329 2.59 -5.05 15.99
N ASP A 330 2.03 -6.24 16.22
CA ASP A 330 0.59 -6.36 16.48
C ASP A 330 0.20 -5.61 17.75
N ASP A 331 0.80 -5.96 18.88
CA ASP A 331 0.27 -5.48 20.16
C ASP A 331 1.40 -5.24 21.15
N SER A 332 1.30 -4.12 21.86
CA SER A 332 2.04 -3.83 23.09
C SER A 332 3.56 -3.72 22.90
N GLU A 333 4.08 -4.17 21.76
CA GLU A 333 5.52 -4.17 21.56
C GLU A 333 5.99 -3.06 20.62
N THR A 334 5.09 -2.47 19.85
CA THR A 334 5.44 -1.31 19.03
C THR A 334 5.65 -0.05 19.86
N SER A 335 5.41 -0.10 21.17
CA SER A 335 5.58 1.04 22.05
C SER A 335 6.80 0.94 22.96
N ASN A 336 7.25 -0.27 23.29
CA ASN A 336 8.37 -0.44 24.21
C ASN A 336 9.72 -0.49 23.52
N TRP A 337 9.75 -0.73 22.20
CA TRP A 337 11.02 -0.86 21.51
C TRP A 337 11.82 0.43 21.49
N ILE A 338 11.23 1.54 21.90
CA ILE A 338 11.95 2.80 22.06
C ILE A 338 12.25 2.92 23.56
N ALA A 339 13.40 2.36 23.96
CA ALA A 339 13.78 2.36 25.37
C ALA A 339 15.30 2.33 25.50
N ALA A 340 16.00 2.08 24.39
CA ALA A 340 17.45 2.01 24.38
C ALA A 340 18.10 3.37 24.17
N ASN A 341 17.37 4.46 24.41
CA ASN A 341 17.92 5.79 24.15
C ASN A 341 18.94 6.18 25.21
N THR A 342 18.50 6.26 26.47
CA THR A 342 19.36 6.67 27.57
C THR A 342 19.12 5.78 28.79
N LYS A 343 20.19 5.53 29.53
CA LYS A 343 20.12 4.82 30.80
C LYS A 343 20.95 5.61 31.81
N GLU A 344 21.39 4.94 32.87
CA GLU A 344 22.20 5.57 33.90
C GLU A 344 23.30 4.62 34.33
N CYS A 345 24.37 5.19 34.88
CA CYS A 345 25.51 4.40 35.32
C CYS A 345 25.12 3.54 36.51
N PRO A 346 25.40 2.22 36.48
CA PRO A 346 25.02 1.37 37.61
C PRO A 346 25.80 1.65 38.89
N LYS A 347 26.79 2.53 38.86
CA LYS A 347 27.57 2.87 40.04
C LYS A 347 27.44 4.34 40.41
N CYS A 348 27.74 5.25 39.50
CA CYS A 348 27.65 6.68 39.78
C CYS A 348 26.27 7.26 39.53
N HIS A 349 25.38 6.52 38.87
CA HIS A 349 23.99 6.91 38.66
C HIS A 349 23.87 8.22 37.89
N VAL A 350 24.81 8.48 36.98
CA VAL A 350 24.70 9.61 36.07
C VAL A 350 24.06 9.13 34.77
N THR A 351 23.26 10.00 34.15
CA THR A 351 22.58 9.63 32.92
C THR A 351 23.58 9.55 31.78
N ILE A 352 23.62 8.40 31.10
CA ILE A 352 24.54 8.15 30.00
C ILE A 352 23.73 7.78 28.77
N GLU A 353 24.09 8.37 27.64
CA GLU A 353 23.41 8.13 26.36
C GLU A 353 24.35 7.31 25.47
N LYS A 354 23.85 6.18 24.98
CA LYS A 354 24.65 5.30 24.15
C LYS A 354 24.81 5.91 22.76
N ASP A 355 26.06 6.03 22.30
CA ASP A 355 26.36 6.64 21.03
C ASP A 355 26.71 5.62 19.96
N GLY A 356 27.68 4.75 20.25
CA GLY A 356 28.16 3.77 19.29
C GLY A 356 27.50 2.41 19.47
N GLY A 357 27.80 1.52 18.52
CA GLY A 357 27.20 0.20 18.52
C GLY A 357 27.69 -0.69 19.64
N CYS A 358 28.92 -0.45 20.12
CA CYS A 358 29.47 -1.28 21.18
C CYS A 358 28.74 -1.06 22.48
N ASN A 359 28.51 -2.14 23.22
CA ASN A 359 27.80 -2.09 24.49
C ASN A 359 28.73 -1.91 25.68
N HIS A 360 30.03 -2.12 25.49
CA HIS A 360 31.01 -2.02 26.58
C HIS A 360 31.12 -0.55 26.97
N MET A 361 30.22 -0.14 27.87
CA MET A 361 30.19 1.24 28.33
C MET A 361 31.36 1.51 29.27
N VAL A 362 31.60 2.80 29.51
CA VAL A 362 32.56 3.27 30.51
C VAL A 362 32.11 4.66 30.93
N CYS A 363 31.94 4.85 32.23
CA CYS A 363 31.24 6.03 32.73
C CYS A 363 32.02 7.30 32.45
N ARG A 364 31.31 8.33 32.00
CA ARG A 364 31.91 9.63 31.69
C ARG A 364 32.09 10.40 32.99
N ASN A 365 33.09 9.99 33.76
CA ASN A 365 33.37 10.59 35.05
C ASN A 365 34.78 10.21 35.48
N GLN A 366 35.56 11.22 35.87
CA GLN A 366 36.92 10.97 36.34
C GLN A 366 36.91 10.29 37.71
N ASN A 367 35.88 10.53 38.51
CA ASN A 367 35.79 9.96 39.85
C ASN A 367 35.13 8.59 39.86
N CYS A 368 34.46 8.20 38.76
CA CYS A 368 33.73 6.94 38.67
C CYS A 368 34.03 6.32 37.30
N LYS A 369 35.26 5.87 37.13
CA LYS A 369 35.67 5.27 35.85
C LYS A 369 35.30 3.81 35.80
N ALA A 370 34.06 3.48 36.12
CA ALA A 370 33.62 2.09 36.17
C ALA A 370 33.21 1.62 34.78
N GLU A 371 33.71 0.45 34.38
CA GLU A 371 33.39 -0.14 33.09
C GLU A 371 32.34 -1.22 33.28
N PHE A 372 31.18 -1.05 32.63
CA PHE A 372 30.09 -2.00 32.78
C PHE A 372 29.50 -2.40 31.44
N CYS A 373 28.36 -3.08 31.47
CA CYS A 373 27.68 -3.57 30.28
C CYS A 373 26.40 -2.76 30.08
N TRP A 374 26.07 -2.50 28.81
CA TRP A 374 24.87 -1.71 28.53
C TRP A 374 23.61 -2.53 28.73
N VAL A 375 23.63 -3.80 28.36
CA VAL A 375 22.43 -4.64 28.45
C VAL A 375 22.12 -4.98 29.89
N CYS A 376 23.03 -5.70 30.56
CA CYS A 376 22.74 -6.24 31.88
C CYS A 376 23.14 -5.30 33.01
N LEU A 377 23.78 -4.17 32.70
CA LEU A 377 24.25 -3.22 33.71
C LEU A 377 25.22 -3.85 34.71
N GLY A 378 25.84 -4.96 34.35
CA GLY A 378 26.81 -5.61 35.20
C GLY A 378 28.22 -5.22 34.82
N PRO A 379 29.18 -5.46 35.72
CA PRO A 379 30.57 -5.13 35.43
C PRO A 379 31.05 -5.89 34.21
N TRP A 380 31.96 -5.26 33.45
CA TRP A 380 32.31 -5.85 32.17
C TRP A 380 33.27 -7.03 32.33
N GLU A 381 34.38 -6.82 33.05
CA GLU A 381 35.43 -7.84 33.20
C GLU A 381 34.91 -9.27 33.40
N PRO A 382 33.89 -9.54 34.23
CA PRO A 382 33.46 -10.93 34.38
C PRO A 382 32.76 -11.51 33.17
N HIS A 383 32.27 -10.68 32.25
CA HIS A 383 31.62 -11.21 31.05
C HIS A 383 32.57 -12.12 30.30
N GLY A 384 32.14 -13.35 30.08
CA GLY A 384 32.99 -14.39 29.55
C GLY A 384 33.49 -15.37 30.59
N SER A 385 33.29 -15.07 31.87
CA SER A 385 33.71 -15.98 32.93
C SER A 385 32.81 -17.22 32.94
N ALA A 386 33.14 -18.16 33.82
CA ALA A 386 32.36 -19.38 33.92
C ALA A 386 30.99 -19.11 34.51
N TRP A 387 30.92 -18.33 35.59
CA TRP A 387 29.70 -18.16 36.36
C TRP A 387 28.98 -16.84 36.07
N TYR A 388 29.06 -16.35 34.83
CA TYR A 388 28.35 -15.13 34.46
C TYR A 388 27.66 -15.35 33.13
N ASN A 389 26.35 -15.12 33.10
CA ASN A 389 25.56 -15.15 31.87
C ASN A 389 24.67 -13.92 31.86
N CYS A 390 24.80 -13.08 30.83
CA CYS A 390 23.85 -12.03 30.58
C CYS A 390 23.11 -12.24 29.26
N ASN A 391 23.32 -13.40 28.63
CA ASN A 391 22.56 -13.80 27.45
C ASN A 391 21.58 -14.92 27.73
N ARG A 392 21.72 -15.63 28.84
CA ARG A 392 20.90 -16.79 29.17
C ARG A 392 19.76 -16.40 30.10
N TYR A 393 18.67 -17.15 30.02
CA TYR A 393 17.51 -16.92 30.87
C TYR A 393 17.57 -17.81 32.11
N ASN A 394 17.24 -19.08 31.95
CA ASN A 394 17.37 -20.09 33.00
C ASN A 394 16.60 -19.71 34.26
N GLU A 395 15.33 -19.34 34.09
CA GLU A 395 14.46 -19.03 35.21
C GLU A 395 13.27 -19.98 35.26
N ARG A 402 2.67 -23.45 38.79
CA ARG A 402 2.10 -22.42 39.65
C ARG A 402 0.69 -22.05 39.19
N ASP A 403 0.33 -20.79 39.37
CA ASP A 403 -0.98 -20.31 38.98
C ASP A 403 -1.04 -20.03 37.48
N ALA A 404 -2.26 -19.84 36.98
CA ALA A 404 -2.43 -19.47 35.58
C ALA A 404 -2.14 -17.99 35.34
N GLN A 405 -2.34 -17.14 36.35
CA GLN A 405 -1.97 -15.73 36.20
C GLN A 405 -0.46 -15.55 36.24
N GLU A 406 0.21 -16.26 37.15
CA GLU A 406 1.67 -16.22 37.20
C GLU A 406 2.29 -16.90 35.99
N ARG A 407 1.56 -17.81 35.33
CA ARG A 407 2.09 -18.48 34.15
C ARG A 407 2.18 -17.55 32.96
N SER A 408 1.27 -16.56 32.88
CA SER A 408 1.29 -15.63 31.76
C SER A 408 2.30 -14.51 31.98
N ARG A 409 2.36 -13.95 33.19
CA ARG A 409 3.31 -12.88 33.46
C ARG A 409 4.75 -13.36 33.39
N ALA A 410 5.00 -14.63 33.74
CA ALA A 410 6.35 -15.17 33.63
C ALA A 410 6.76 -15.38 32.17
N ALA A 411 5.80 -15.73 31.31
CA ALA A 411 6.09 -15.85 29.89
C ALA A 411 6.19 -14.50 29.18
N LEU A 412 5.58 -13.46 29.74
CA LEU A 412 5.70 -12.14 29.14
C LEU A 412 7.06 -11.53 29.42
N GLN A 413 7.52 -11.62 30.68
CA GLN A 413 8.85 -11.10 31.00
C GLN A 413 9.94 -11.89 30.32
N ARG A 414 9.70 -13.17 30.01
CA ARG A 414 10.64 -13.94 29.21
C ARG A 414 10.79 -13.34 27.82
N TYR A 415 9.67 -12.91 27.23
CA TYR A 415 9.73 -12.24 25.92
C TYR A 415 10.52 -10.95 26.01
N LEU A 416 10.27 -10.15 27.06
CA LEU A 416 11.00 -8.89 27.20
C LEU A 416 12.50 -9.13 27.31
N PHE A 417 12.89 -10.25 27.93
CA PHE A 417 14.31 -10.59 27.99
C PHE A 417 14.87 -10.83 26.60
N TYR A 418 14.16 -11.61 25.78
CA TYR A 418 14.65 -11.91 24.44
C TYR A 418 14.38 -10.78 23.46
N CYS A 419 13.33 -9.98 23.69
CA CYS A 419 13.06 -8.86 22.79
C CYS A 419 14.04 -7.72 23.04
N ASN A 420 14.38 -7.48 24.31
CA ASN A 420 15.33 -6.41 24.62
C ASN A 420 16.71 -6.70 24.05
N ARG A 421 17.11 -7.98 23.99
CA ARG A 421 18.36 -8.33 23.34
C ARG A 421 18.29 -8.06 21.84
N TYR A 422 17.19 -8.48 21.21
CA TYR A 422 17.03 -8.29 19.77
C TYR A 422 16.94 -6.82 19.41
N MET A 423 16.27 -6.01 20.23
CA MET A 423 16.11 -4.61 19.91
C MET A 423 17.37 -3.80 20.21
N ASN A 424 18.19 -4.27 21.15
CA ASN A 424 19.44 -3.56 21.43
C ASN A 424 20.45 -3.77 20.31
N HIS A 425 20.62 -5.02 19.87
CA HIS A 425 21.49 -5.28 18.73
C HIS A 425 20.95 -4.67 17.45
N MET A 426 19.67 -4.29 17.44
CA MET A 426 19.07 -3.57 16.33
C MET A 426 19.74 -2.21 16.18
N GLN A 427 19.54 -1.33 17.18
CA GLN A 427 20.14 0.00 17.11
C GLN A 427 21.66 -0.08 17.11
N SER A 428 22.23 -1.10 17.76
CA SER A 428 23.68 -1.22 17.79
C SER A 428 24.24 -1.60 16.43
N LEU A 429 23.46 -2.30 15.61
CA LEU A 429 23.89 -2.54 14.24
C LEU A 429 23.85 -1.25 13.43
N ARG A 430 22.78 -0.47 13.57
CA ARG A 430 22.69 0.80 12.86
C ARG A 430 23.78 1.77 13.30
N PHE A 431 24.18 1.72 14.57
CA PHE A 431 25.27 2.56 15.03
C PHE A 431 26.63 2.08 14.53
N GLU A 432 26.72 0.82 14.09
CA GLU A 432 27.96 0.28 13.57
C GLU A 432 28.05 0.33 12.06
N HIS A 433 26.99 0.76 11.38
CA HIS A 433 27.11 1.11 9.97
C HIS A 433 27.83 2.45 9.80
N LYS A 434 27.86 3.29 10.84
CA LYS A 434 28.62 4.53 10.80
C LYS A 434 30.11 4.27 10.62
N LEU A 435 30.60 3.08 10.99
CA LEU A 435 32.01 2.78 10.84
C LEU A 435 32.43 2.79 9.38
N TYR A 436 31.54 2.41 8.47
CA TYR A 436 31.85 2.45 7.04
C TYR A 436 32.25 3.85 6.60
N ALA A 437 31.65 4.88 7.19
CA ALA A 437 32.04 6.25 6.87
C ALA A 437 33.39 6.60 7.49
N GLN A 438 33.71 6.02 8.64
CA GLN A 438 34.99 6.25 9.30
C GLN A 438 36.04 5.22 8.90
N VAL A 439 35.65 4.14 8.20
CA VAL A 439 36.63 3.24 7.64
C VAL A 439 37.33 3.88 6.44
N LYS A 440 36.58 4.64 5.65
CA LYS A 440 37.19 5.37 4.54
C LYS A 440 38.03 6.54 5.01
N GLN A 441 37.86 6.98 6.26
CA GLN A 441 38.80 7.87 6.90
C GLN A 441 39.91 7.11 7.62
N LYS A 442 39.84 5.78 7.63
CA LYS A 442 40.93 4.92 8.08
C LYS A 442 41.39 3.99 6.96
N MET A 443 41.31 4.48 5.72
CA MET A 443 41.81 3.77 4.56
C MET A 443 42.59 4.64 3.59
N GLU A 444 42.59 5.97 3.78
CA GLU A 444 43.25 6.88 2.83
C GLU A 444 44.68 7.18 3.28
N GLU A 445 44.83 7.97 4.35
CA GLU A 445 46.16 8.29 4.85
C GLU A 445 46.97 7.03 5.18
N MET A 446 46.28 5.96 5.57
CA MET A 446 46.97 4.69 5.81
C MET A 446 47.47 4.08 4.51
N GLN A 447 46.74 4.29 3.41
CA GLN A 447 47.26 3.94 2.09
C GLN A 447 48.27 4.96 1.60
N GLN A 448 48.15 6.21 2.07
CA GLN A 448 49.13 7.24 1.70
C GLN A 448 50.50 6.92 2.30
N HIS A 449 50.52 6.45 3.56
CA HIS A 449 51.79 6.20 4.23
C HIS A 449 52.60 5.11 3.52
N ASN A 450 52.02 3.93 3.39
CA ASN A 450 52.74 2.82 2.75
C ASN A 450 51.77 1.71 2.39
N MET A 451 52.18 0.91 1.40
CA MET A 451 51.46 -0.28 0.95
C MET A 451 49.99 0.02 0.68
N SER A 452 49.71 0.62 -0.47
CA SER A 452 48.36 1.06 -0.78
C SER A 452 47.50 -0.07 -1.33
N TRP A 453 46.27 -0.15 -0.81
CA TRP A 453 45.19 -0.94 -1.41
C TRP A 453 45.46 -2.44 -1.37
N ILE A 454 46.04 -2.90 -0.25
CA ILE A 454 46.01 -4.32 0.11
C ILE A 454 45.80 -4.35 1.63
N GLU A 455 46.39 -3.36 2.31
CA GLU A 455 46.15 -3.18 3.73
C GLU A 455 44.89 -2.40 4.03
N VAL A 456 44.35 -1.67 3.05
CA VAL A 456 43.12 -0.93 3.29
C VAL A 456 41.89 -1.80 3.01
N GLN A 457 41.99 -2.74 2.07
CA GLN A 457 40.87 -3.65 1.83
C GLN A 457 40.79 -4.73 2.89
N PHE A 458 41.89 -5.02 3.59
CA PHE A 458 41.84 -5.91 4.74
C PHE A 458 41.13 -5.26 5.93
N LEU A 459 41.03 -3.94 5.94
CA LEU A 459 40.32 -3.23 7.00
C LEU A 459 38.83 -3.14 6.75
N LYS A 460 38.39 -3.12 5.49
CA LYS A 460 36.95 -3.13 5.21
C LYS A 460 36.36 -4.52 5.41
N LYS A 461 37.12 -5.57 5.05
CA LYS A 461 36.66 -6.93 5.29
C LYS A 461 36.48 -7.21 6.78
N ALA A 462 37.07 -6.38 7.65
CA ALA A 462 36.91 -6.58 9.09
C ALA A 462 35.60 -5.99 9.58
N VAL A 463 35.28 -4.76 9.16
CA VAL A 463 34.01 -4.16 9.54
C VAL A 463 32.84 -4.83 8.83
N ASP A 464 33.09 -5.47 7.68
CA ASP A 464 32.04 -6.28 7.06
C ASP A 464 31.65 -7.45 7.96
N VAL A 465 32.64 -8.07 8.60
CA VAL A 465 32.35 -9.18 9.51
C VAL A 465 31.70 -8.67 10.79
N LEU A 466 32.09 -7.48 11.24
CA LEU A 466 31.52 -6.91 12.47
C LEU A 466 30.01 -6.73 12.34
N CYS A 467 29.56 -6.12 11.25
CA CYS A 467 28.13 -5.96 11.03
C CYS A 467 27.45 -7.28 10.69
N GLN A 468 28.19 -8.26 10.16
CA GLN A 468 27.57 -9.55 9.87
C GLN A 468 27.34 -10.34 11.14
N CYS A 469 28.32 -10.35 12.05
CA CYS A 469 28.14 -11.00 13.34
C CYS A 469 27.10 -10.29 14.20
N ARG A 470 26.80 -9.02 13.92
CA ARG A 470 25.71 -8.35 14.63
C ARG A 470 24.36 -8.73 14.06
N ALA A 471 24.25 -8.82 12.73
CA ALA A 471 22.99 -9.21 12.13
C ALA A 471 22.58 -10.61 12.57
N THR A 472 23.51 -11.56 12.48
CA THR A 472 23.25 -12.91 12.97
C THR A 472 23.05 -12.95 14.49
N LEU A 473 23.60 -11.98 15.21
CA LEU A 473 23.37 -11.94 16.66
C LEU A 473 21.93 -11.56 16.97
N MET A 474 21.35 -10.67 16.17
CA MET A 474 19.94 -10.30 16.35
C MET A 474 19.03 -11.51 16.18
N TYR A 475 19.25 -12.28 15.12
CA TYR A 475 18.44 -13.46 14.85
C TYR A 475 18.83 -14.63 15.75
N THR A 476 19.97 -14.53 16.43
CA THR A 476 20.33 -15.56 17.41
C THR A 476 19.31 -15.61 18.55
N TYR A 477 18.82 -14.45 18.98
CA TYR A 477 17.85 -14.42 20.06
C TYR A 477 16.45 -14.82 19.58
N VAL A 478 16.13 -14.51 18.32
CA VAL A 478 14.85 -14.95 17.76
C VAL A 478 14.78 -16.47 17.78
N PHE A 479 15.77 -17.13 17.20
CA PHE A 479 15.81 -18.59 17.22
C PHE A 479 15.86 -19.13 18.64
N ALA A 480 16.44 -18.36 19.57
CA ALA A 480 16.52 -18.82 20.95
C ALA A 480 15.21 -18.63 21.71
N PHE A 481 14.42 -17.61 21.34
CA PHE A 481 13.16 -17.37 22.03
C PHE A 481 12.19 -18.54 21.85
N TYR A 482 12.20 -19.18 20.70
CA TYR A 482 11.30 -20.28 20.41
C TYR A 482 11.89 -21.64 20.72
N LEU A 483 12.98 -21.70 21.48
CA LEU A 483 13.62 -22.97 21.79
C LEU A 483 13.12 -23.54 23.11
N LYS A 484 12.92 -24.86 23.12
CA LYS A 484 12.69 -25.59 24.35
C LYS A 484 14.04 -25.92 24.99
N LYS A 485 14.15 -25.68 26.29
CA LYS A 485 15.41 -25.88 26.99
C LYS A 485 15.90 -27.31 26.87
N ASN A 486 16.68 -27.57 25.82
CA ASN A 486 17.16 -28.91 25.50
C ASN A 486 18.61 -29.08 25.92
N ASN A 487 19.13 -30.29 25.70
CA ASN A 487 20.57 -30.52 25.86
C ASN A 487 21.36 -29.73 24.82
N GLN A 488 20.76 -29.43 23.68
CA GLN A 488 21.39 -28.61 22.67
C GLN A 488 21.15 -27.12 22.88
N SER A 489 20.24 -26.75 23.79
CA SER A 489 20.02 -25.34 24.09
C SER A 489 21.20 -24.76 24.84
N ILE A 490 21.64 -25.42 25.91
CA ILE A 490 22.75 -24.89 26.70
C ILE A 490 24.05 -24.91 25.90
N ILE A 491 24.21 -25.90 25.02
CA ILE A 491 25.36 -25.89 24.12
C ILE A 491 25.30 -24.69 23.19
N PHE A 492 24.12 -24.43 22.64
CA PHE A 492 23.93 -23.27 21.77
C PHE A 492 24.17 -21.96 22.53
N GLU A 493 23.69 -21.90 23.78
CA GLU A 493 23.88 -20.68 24.58
C GLU A 493 25.35 -20.35 24.75
N ASN A 494 26.19 -21.39 24.85
CA ASN A 494 27.63 -21.16 24.98
C ASN A 494 28.21 -20.56 23.70
N ASN A 495 27.83 -21.10 22.55
CA ASN A 495 28.30 -20.53 21.29
C ASN A 495 27.75 -19.12 21.07
N GLN A 496 26.59 -18.82 21.67
CA GLN A 496 26.06 -17.46 21.61
C GLN A 496 26.91 -16.52 22.45
N ALA A 497 27.17 -16.90 23.71
CA ALA A 497 27.95 -16.04 24.59
C ALA A 497 29.40 -15.92 24.10
N ASP A 498 29.90 -16.93 23.40
CA ASP A 498 31.25 -16.85 22.85
C ASP A 498 31.30 -15.94 21.63
N LEU A 499 30.20 -15.78 20.91
CA LEU A 499 30.14 -14.87 19.78
C LEU A 499 29.76 -13.46 20.19
N GLU A 500 28.79 -13.33 21.10
CA GLU A 500 28.36 -11.99 21.53
C GLU A 500 29.50 -11.24 22.19
N ASN A 501 30.38 -11.95 22.90
CA ASN A 501 31.54 -11.30 23.48
C ASN A 501 32.59 -10.96 22.42
N ALA A 502 32.81 -11.88 21.47
CA ALA A 502 33.77 -11.62 20.41
C ALA A 502 33.38 -10.42 19.56
N THR A 503 32.07 -10.18 19.40
CA THR A 503 31.63 -9.02 18.64
C THR A 503 31.85 -7.74 19.42
N GLU A 504 31.59 -7.74 20.73
CA GLU A 504 31.76 -6.54 21.52
C GLU A 504 33.22 -6.10 21.58
N VAL A 505 34.16 -7.04 21.51
CA VAL A 505 35.56 -6.69 21.44
C VAL A 505 35.89 -6.06 20.09
N LEU A 506 35.49 -6.73 19.00
CA LEU A 506 35.77 -6.21 17.66
C LEU A 506 35.10 -4.86 17.45
N SER A 507 33.90 -4.69 17.99
CA SER A 507 33.22 -3.41 17.84
C SER A 507 33.81 -2.34 18.76
N GLY A 508 34.32 -2.75 19.92
CA GLY A 508 34.94 -1.79 20.82
C GLY A 508 36.25 -1.25 20.29
N TYR A 509 37.02 -2.06 19.56
CA TYR A 509 38.27 -1.60 19.00
C TYR A 509 38.04 -0.58 17.89
N LEU A 510 37.04 -0.82 17.05
CA LEU A 510 36.77 0.07 15.92
C LEU A 510 35.91 1.27 16.34
N GLU A 511 35.98 1.64 17.62
CA GLU A 511 35.27 2.82 18.11
C GLU A 511 36.09 3.68 19.07
N ARG A 512 37.14 3.15 19.69
CA ARG A 512 37.93 3.93 20.64
C ARG A 512 39.41 3.60 20.52
N ASP A 513 39.74 2.31 20.47
CA ASP A 513 41.13 1.86 20.53
C ASP A 513 41.83 1.90 19.18
N ILE A 514 41.18 2.36 18.13
CA ILE A 514 41.81 2.37 16.81
C ILE A 514 42.62 3.65 16.58
N SER A 515 42.21 4.76 17.16
CA SER A 515 42.92 6.03 16.96
C SER A 515 44.19 6.11 17.79
N GLN A 516 44.17 5.53 18.99
CA GLN A 516 45.29 5.62 19.91
C GLN A 516 46.35 4.55 19.67
N ASP A 517 46.40 3.99 18.45
CA ASP A 517 47.38 2.98 18.10
C ASP A 517 48.19 3.43 16.89
N SER A 518 49.35 2.81 16.71
CA SER A 518 50.18 3.05 15.55
C SER A 518 49.86 2.04 14.45
N LEU A 519 50.29 2.36 13.23
CA LEU A 519 49.95 1.53 12.08
C LEU A 519 50.72 0.22 12.06
N GLN A 520 51.83 0.12 12.80
CA GLN A 520 52.56 -1.14 12.89
C GLN A 520 51.85 -2.18 13.74
N ASP A 521 50.73 -1.81 14.37
CA ASP A 521 49.98 -2.71 15.24
C ASP A 521 48.55 -2.96 14.78
N ILE A 522 47.93 -2.01 14.07
CA ILE A 522 46.56 -2.19 13.62
C ILE A 522 46.45 -3.39 12.69
N LYS A 523 47.51 -3.70 11.95
CA LYS A 523 47.48 -4.81 11.01
C LYS A 523 47.20 -6.13 11.72
N GLN A 524 47.95 -6.42 12.77
CA GLN A 524 47.79 -7.70 13.47
C GLN A 524 46.70 -7.66 14.52
N LYS A 525 46.42 -6.48 15.10
CA LYS A 525 45.35 -6.36 16.08
C LYS A 525 44.00 -6.75 15.48
N VAL A 526 43.60 -6.04 14.42
CA VAL A 526 42.27 -6.23 13.86
C VAL A 526 42.17 -7.60 13.18
N GLN A 527 43.23 -8.02 12.49
CA GLN A 527 43.17 -9.27 11.73
C GLN A 527 42.94 -10.46 12.65
N ASP A 528 43.55 -10.46 13.83
CA ASP A 528 43.30 -11.53 14.79
C ASP A 528 41.91 -11.43 15.40
N LYS A 529 41.34 -10.23 15.46
CA LYS A 529 40.03 -10.03 16.07
C LYS A 529 38.91 -10.51 15.15
N TYR A 530 38.81 -9.91 13.97
CA TYR A 530 37.66 -10.18 13.11
C TYR A 530 37.67 -11.59 12.52
N ARG A 531 38.84 -12.24 12.46
CA ARG A 531 38.85 -13.63 12.02
C ARG A 531 38.49 -14.59 13.14
N TYR A 532 38.80 -14.23 14.40
CA TYR A 532 38.28 -15.01 15.52
C TYR A 532 36.79 -14.77 15.69
N CYS A 533 36.33 -13.55 15.41
CA CYS A 533 34.93 -13.22 15.60
C CYS A 533 34.05 -14.01 14.65
N GLU A 534 34.51 -14.22 13.41
CA GLU A 534 33.76 -15.06 12.47
C GLU A 534 33.94 -16.54 12.77
N SER A 535 34.98 -16.91 13.52
CA SER A 535 35.15 -18.30 13.92
C SER A 535 34.09 -18.72 14.94
N ARG A 536 33.62 -17.77 15.75
CA ARG A 536 32.54 -18.08 16.70
C ARG A 536 31.19 -18.15 16.01
N ARG A 537 30.97 -17.29 15.00
CA ARG A 537 29.77 -17.42 14.18
C ARG A 537 29.79 -18.73 13.40
N ARG A 538 30.98 -19.22 13.04
CA ARG A 538 31.08 -20.47 12.30
C ARG A 538 30.58 -21.64 13.12
N VAL A 539 31.10 -21.81 14.34
CA VAL A 539 30.70 -22.94 15.17
C VAL A 539 29.25 -22.81 15.59
N LEU A 540 28.75 -21.59 15.78
CA LEU A 540 27.35 -21.39 16.14
C LEU A 540 26.43 -21.87 15.02
N LEU A 541 26.71 -21.44 13.79
CA LEU A 541 25.86 -21.83 12.65
C LEU A 541 26.01 -23.30 12.34
N GLN A 542 27.25 -23.82 12.36
CA GLN A 542 27.46 -25.25 12.15
C GLN A 542 26.70 -26.08 13.18
N HIS A 543 26.57 -25.56 14.40
CA HIS A 543 25.85 -26.28 15.44
C HIS A 543 24.37 -26.36 15.13
N VAL A 544 23.73 -25.20 14.91
CA VAL A 544 22.29 -25.19 14.70
C VAL A 544 21.91 -25.87 13.40
N HIS A 545 22.78 -25.81 12.38
CA HIS A 545 22.48 -26.48 11.12
C HIS A 545 22.55 -28.00 11.30
N GLU A 546 23.60 -28.49 11.98
CA GLU A 546 23.67 -29.92 12.28
C GLU A 546 22.54 -30.33 13.22
N GLY A 547 22.24 -29.49 14.21
CA GLY A 547 21.12 -29.77 15.10
C GLY A 547 19.79 -29.74 14.38
N TYR A 548 19.69 -28.99 13.29
CA TYR A 548 18.49 -28.99 12.47
C TYR A 548 18.27 -30.36 11.83
N GLU A 549 19.35 -31.03 11.43
CA GLU A 549 19.25 -32.30 10.73
C GLU A 549 18.76 -33.43 11.61
N LYS A 550 18.73 -33.25 12.93
CA LYS A 550 18.32 -34.30 13.85
C LYS A 550 17.08 -33.94 14.66
N ASP A 551 16.55 -32.73 14.50
CA ASP A 551 15.32 -32.28 15.16
C ASP A 551 15.44 -32.46 16.68
N LEU A 552 16.24 -31.59 17.29
CA LEU A 552 16.60 -31.72 18.69
C LEU A 552 16.09 -30.57 19.55
N TRP A 553 15.22 -29.71 19.02
CA TRP A 553 14.84 -28.50 19.73
C TRP A 553 13.73 -27.73 19.02
N GLU A 554 12.54 -27.63 19.63
CA GLU A 554 11.47 -26.82 19.07
C GLU A 554 10.55 -26.33 20.18
N TYR A 555 9.92 -25.19 19.92
CA TYR A 555 8.88 -24.62 20.79
C TYR A 555 9.39 -24.39 22.21
N SER B 4 -8.12 26.90 -8.05
CA SER B 4 -8.64 28.22 -7.75
C SER B 4 -9.09 28.94 -9.02
N ARG B 5 -8.73 28.35 -10.16
CA ARG B 5 -9.20 28.88 -11.44
C ARG B 5 -10.47 28.17 -11.89
N ARG B 6 -10.55 26.85 -11.66
CA ARG B 6 -11.75 26.11 -12.01
C ARG B 6 -12.89 26.43 -11.07
N LEU B 7 -12.62 26.55 -9.77
CA LEU B 7 -13.67 26.85 -8.80
C LEU B 7 -14.38 28.14 -9.13
N MET B 8 -13.66 29.11 -9.71
CA MET B 8 -14.28 30.37 -10.11
C MET B 8 -15.34 30.14 -11.18
N LYS B 9 -15.12 29.16 -12.06
CA LYS B 9 -16.07 28.87 -13.12
C LYS B 9 -17.15 27.89 -12.68
N GLU B 10 -16.83 26.95 -11.80
CA GLU B 10 -17.84 26.03 -11.30
C GLU B 10 -18.90 26.77 -10.50
N LEU B 11 -18.48 27.47 -9.44
CA LEU B 11 -19.41 28.27 -8.65
C LEU B 11 -20.15 29.27 -9.51
N GLU B 12 -19.53 29.73 -10.59
CA GLU B 12 -20.22 30.61 -11.53
C GLU B 12 -21.35 29.88 -12.23
N GLU B 13 -21.15 28.61 -12.57
CA GLU B 13 -22.17 27.85 -13.29
C GLU B 13 -23.40 27.58 -12.42
N ILE B 14 -23.21 27.43 -11.11
CA ILE B 14 -24.33 27.16 -10.22
C ILE B 14 -25.24 28.38 -10.12
N ARG B 15 -24.64 29.56 -9.95
CA ARG B 15 -25.43 30.79 -9.81
C ARG B 15 -26.24 31.11 -11.06
N LYS B 16 -25.84 30.59 -12.22
CA LYS B 16 -26.52 30.90 -13.47
C LYS B 16 -27.63 29.90 -13.77
N SER B 17 -27.25 28.68 -14.18
CA SER B 17 -28.25 27.68 -14.54
C SER B 17 -29.15 27.33 -13.36
N GLY B 18 -28.65 27.49 -12.14
CA GLY B 18 -29.46 27.22 -10.96
C GLY B 18 -29.59 25.75 -10.66
N MET B 19 -29.67 25.41 -9.37
CA MET B 19 -29.83 24.04 -8.92
C MET B 19 -31.18 23.89 -8.23
N LYS B 20 -31.99 22.96 -8.71
CA LYS B 20 -33.35 22.80 -8.18
C LYS B 20 -33.34 22.21 -6.78
N ASN B 21 -32.38 21.33 -6.48
CA ASN B 21 -32.30 20.68 -5.18
C ASN B 21 -31.31 21.35 -4.25
N PHE B 22 -30.71 22.46 -4.66
CA PHE B 22 -29.69 23.15 -3.86
C PHE B 22 -29.97 24.64 -3.88
N ARG B 23 -30.14 25.23 -2.69
CA ARG B 23 -30.46 26.64 -2.56
C ARG B 23 -29.53 27.28 -1.54
N ASN B 24 -29.49 28.61 -1.57
CA ASN B 24 -28.72 29.41 -0.62
C ASN B 24 -27.25 29.01 -0.60
N ILE B 25 -26.64 29.01 -1.78
CA ILE B 25 -25.23 28.65 -1.91
C ILE B 25 -24.38 29.86 -1.52
N GLN B 26 -24.05 29.95 -0.23
CA GLN B 26 -23.22 31.04 0.28
C GLN B 26 -21.91 30.47 0.77
N VAL B 27 -20.80 31.08 0.33
CA VAL B 27 -19.46 30.58 0.62
C VAL B 27 -18.66 31.66 1.33
N ASP B 28 -17.69 31.22 2.12
CA ASP B 28 -16.66 32.12 2.61
C ASP B 28 -15.86 32.64 1.43
N GLU B 29 -15.75 33.96 1.33
CA GLU B 29 -15.07 34.56 0.19
C GLU B 29 -13.55 34.49 0.37
N ALA B 30 -12.83 34.79 -0.71
CA ALA B 30 -11.37 34.70 -0.77
C ALA B 30 -10.90 33.27 -0.62
N ASN B 31 -11.19 32.65 0.53
CA ASN B 31 -10.88 31.24 0.74
C ASN B 31 -12.00 30.42 0.13
N LEU B 32 -11.75 29.84 -1.05
CA LEU B 32 -12.73 29.03 -1.75
C LEU B 32 -12.51 27.54 -1.54
N LEU B 33 -11.95 27.15 -0.39
CA LEU B 33 -11.78 25.74 -0.07
C LEU B 33 -12.94 25.16 0.71
N THR B 34 -13.74 26.00 1.37
CA THR B 34 -14.87 25.56 2.17
C THR B 34 -16.14 26.21 1.64
N TRP B 35 -17.15 25.39 1.36
CA TRP B 35 -18.45 25.86 0.89
C TRP B 35 -19.53 25.49 1.89
N GLN B 36 -20.62 26.24 1.88
CA GLN B 36 -21.80 25.93 2.66
C GLN B 36 -23.03 26.00 1.76
N GLY B 37 -24.02 25.15 2.06
CA GLY B 37 -25.24 25.10 1.27
C GLY B 37 -26.32 24.32 1.98
N LEU B 38 -27.54 24.52 1.50
CA LEU B 38 -28.74 23.96 2.12
C LEU B 38 -29.44 23.07 1.11
N ILE B 39 -29.64 21.80 1.48
CA ILE B 39 -30.22 20.79 0.60
C ILE B 39 -31.70 20.65 0.93
N VAL B 40 -32.51 20.50 -0.11
CA VAL B 40 -33.95 20.27 0.03
C VAL B 40 -34.32 19.02 -0.76
N PRO B 41 -34.55 17.91 -0.07
CA PRO B 41 -35.00 16.69 -0.76
C PRO B 41 -36.43 16.84 -1.25
N ASP B 42 -36.79 15.99 -2.21
CA ASP B 42 -38.11 16.03 -2.83
C ASP B 42 -39.07 14.98 -2.30
N ASN B 43 -38.58 13.97 -1.60
CA ASN B 43 -39.41 12.85 -1.19
C ASN B 43 -39.36 12.66 0.33
N PRO B 44 -40.46 12.17 0.93
CA PRO B 44 -40.54 11.84 2.36
C PRO B 44 -39.56 10.73 2.72
N PRO B 45 -39.21 10.59 4.01
CA PRO B 45 -39.68 11.37 5.17
C PRO B 45 -38.86 12.62 5.43
N TYR B 46 -38.15 13.09 4.40
CA TYR B 46 -37.26 14.25 4.55
C TYR B 46 -37.81 15.51 3.89
N ASP B 47 -38.85 15.41 3.08
CA ASP B 47 -39.40 16.56 2.38
C ASP B 47 -40.13 17.55 3.31
N LYS B 48 -39.96 17.43 4.63
CA LYS B 48 -40.59 18.33 5.59
C LYS B 48 -39.63 19.39 6.11
N GLY B 49 -38.34 19.28 5.80
CA GLY B 49 -37.37 20.27 6.23
C GLY B 49 -36.24 20.47 5.24
N ALA B 50 -35.12 21.02 5.72
CA ALA B 50 -33.95 21.26 4.90
C ALA B 50 -32.71 21.09 5.75
N PHE B 51 -31.65 20.57 5.14
CA PHE B 51 -30.44 20.18 5.85
C PHE B 51 -29.23 20.89 5.27
N ARG B 52 -28.32 21.30 6.15
CA ARG B 52 -27.16 22.10 5.79
C ARG B 52 -25.92 21.22 5.68
N ILE B 53 -25.25 21.31 4.52
CA ILE B 53 -24.01 20.57 4.27
C ILE B 53 -22.87 21.56 4.12
N GLU B 54 -21.66 21.04 4.26
CA GLU B 54 -20.45 21.85 4.13
C GLU B 54 -19.42 21.07 3.32
N ILE B 55 -19.02 21.64 2.18
CA ILE B 55 -18.02 21.05 1.31
C ILE B 55 -16.66 21.63 1.65
N ASN B 56 -15.64 20.78 1.66
CA ASN B 56 -14.26 21.18 1.98
C ASN B 56 -13.34 20.68 0.87
N PHE B 57 -13.15 21.50 -0.16
CA PHE B 57 -12.23 21.15 -1.23
C PHE B 57 -10.80 21.13 -0.69
N PRO B 58 -10.02 20.09 -0.96
CA PRO B 58 -8.61 20.11 -0.56
C PRO B 58 -7.82 20.98 -1.52
N ALA B 59 -6.57 21.23 -1.14
CA ALA B 59 -5.73 22.12 -1.93
C ALA B 59 -5.50 21.57 -3.33
N GLU B 60 -5.37 20.25 -3.46
CA GLU B 60 -5.05 19.62 -4.72
C GLU B 60 -6.27 19.44 -5.63
N TYR B 61 -7.40 20.07 -5.31
CA TYR B 61 -8.57 20.00 -6.17
C TYR B 61 -8.21 20.55 -7.55
N PRO B 62 -8.70 19.91 -8.62
CA PRO B 62 -9.61 18.76 -8.62
C PRO B 62 -8.93 17.40 -8.78
N PHE B 63 -7.63 17.33 -8.52
CA PHE B 63 -6.94 16.04 -8.61
C PHE B 63 -7.09 15.20 -7.34
N LYS B 64 -7.76 15.73 -6.32
CA LYS B 64 -8.17 14.98 -5.14
C LYS B 64 -9.58 15.45 -4.78
N PRO B 65 -10.47 14.54 -4.41
CA PRO B 65 -11.89 14.88 -4.31
C PRO B 65 -12.20 15.64 -3.04
N PRO B 66 -13.29 16.41 -3.03
CA PRO B 66 -13.69 17.12 -1.79
C PRO B 66 -14.22 16.19 -0.72
N LYS B 67 -14.62 16.76 0.41
CA LYS B 67 -15.22 16.02 1.52
C LYS B 67 -16.48 16.75 1.98
N ILE B 68 -17.58 16.02 2.08
CA ILE B 68 -18.87 16.59 2.47
C ILE B 68 -19.20 16.13 3.89
N THR B 69 -19.69 17.07 4.70
CA THR B 69 -20.15 16.80 6.04
C THR B 69 -21.48 17.50 6.28
N PHE B 70 -22.40 16.81 6.95
CA PHE B 70 -23.71 17.36 7.25
C PHE B 70 -23.64 18.17 8.55
N LYS B 71 -23.95 19.46 8.46
CA LYS B 71 -24.02 20.29 9.65
C LYS B 71 -25.36 20.15 10.36
N THR B 72 -26.43 19.90 9.61
CA THR B 72 -27.74 19.62 10.18
C THR B 72 -27.86 18.12 10.44
N LYS B 73 -28.26 17.75 11.66
CA LYS B 73 -28.47 16.35 11.99
C LYS B 73 -29.53 15.75 11.07
N ILE B 74 -29.45 14.43 10.88
CA ILE B 74 -30.26 13.75 9.88
C ILE B 74 -30.40 12.29 10.25
N TYR B 75 -31.55 11.71 9.91
CA TYR B 75 -31.84 10.30 10.18
C TYR B 75 -31.64 9.53 8.88
N HIS B 76 -30.48 8.88 8.75
CA HIS B 76 -30.17 8.17 7.51
C HIS B 76 -29.18 7.07 7.80
N PRO B 77 -29.29 5.90 7.15
CA PRO B 77 -28.31 4.83 7.41
C PRO B 77 -26.94 5.09 6.82
N ASN B 78 -26.84 5.86 5.74
CA ASN B 78 -25.57 6.11 5.07
C ASN B 78 -24.91 7.42 5.50
N ILE B 79 -25.39 8.05 6.57
CA ILE B 79 -24.85 9.31 7.04
C ILE B 79 -24.47 9.14 8.51
N ASP B 80 -23.20 9.40 8.82
CA ASP B 80 -22.72 9.30 10.19
C ASP B 80 -23.40 10.34 11.07
N GLU B 81 -23.38 10.09 12.39
CA GLU B 81 -24.02 10.99 13.32
C GLU B 81 -23.35 12.36 13.32
N LYS B 82 -22.02 12.40 13.18
CA LYS B 82 -21.32 13.69 13.12
C LYS B 82 -21.70 14.47 11.87
N GLY B 83 -21.97 13.79 10.76
CA GLY B 83 -22.30 14.45 9.52
C GLY B 83 -21.61 13.85 8.33
N GLN B 84 -20.72 12.89 8.57
CA GLN B 84 -19.98 12.25 7.50
C GLN B 84 -20.91 11.48 6.58
N VAL B 85 -20.42 11.20 5.37
CA VAL B 85 -21.21 10.52 4.34
C VAL B 85 -20.27 9.69 3.47
N LYS B 86 -20.61 8.42 3.31
CA LYS B 86 -19.91 7.52 2.40
C LYS B 86 -20.53 7.69 1.00
N LEU B 87 -19.77 8.27 0.08
CA LEU B 87 -20.23 8.50 -1.28
C LEU B 87 -19.16 8.00 -2.26
N PRO B 88 -19.44 6.97 -3.05
CA PRO B 88 -18.39 6.39 -3.90
C PRO B 88 -17.96 7.32 -5.02
N VAL B 89 -18.78 8.30 -5.41
CA VAL B 89 -18.42 9.18 -6.51
C VAL B 89 -17.36 10.20 -6.13
N ILE B 90 -17.10 10.37 -4.84
CA ILE B 90 -15.99 11.20 -4.37
C ILE B 90 -14.99 10.37 -3.54
N SER B 91 -15.06 9.05 -3.65
CA SER B 91 -14.13 8.17 -2.95
C SER B 91 -12.73 8.30 -3.54
N ALA B 92 -11.79 7.57 -2.92
CA ALA B 92 -10.40 7.61 -3.37
C ALA B 92 -10.25 6.98 -4.76
N GLU B 93 -10.23 5.66 -4.82
CA GLU B 93 -10.01 4.89 -6.03
C GLU B 93 -11.13 5.04 -7.08
N ASN B 94 -12.07 5.97 -6.93
CA ASN B 94 -13.09 6.23 -7.94
C ASN B 94 -13.04 7.65 -8.49
N TRP B 95 -12.37 8.57 -7.82
CA TRP B 95 -12.49 10.00 -8.12
C TRP B 95 -11.90 10.33 -9.49
N LYS B 96 -12.71 10.98 -10.33
CA LYS B 96 -12.25 11.51 -11.60
C LYS B 96 -12.27 13.02 -11.55
N PRO B 97 -11.18 13.68 -11.94
CA PRO B 97 -11.14 15.15 -11.85
C PRO B 97 -12.11 15.86 -12.77
N ALA B 98 -12.64 15.19 -13.80
CA ALA B 98 -13.61 15.85 -14.67
C ALA B 98 -14.96 16.04 -13.99
N THR B 99 -15.20 15.34 -12.89
CA THR B 99 -16.51 15.33 -12.23
C THR B 99 -16.80 16.71 -11.65
N LYS B 100 -17.71 17.44 -12.29
CA LYS B 100 -18.12 18.74 -11.81
C LYS B 100 -18.77 18.62 -10.43
N THR B 101 -18.76 19.73 -9.69
CA THR B 101 -19.28 19.73 -8.33
C THR B 101 -20.79 19.50 -8.32
N ASP B 102 -21.53 20.25 -9.15
CA ASP B 102 -22.98 20.06 -9.23
C ASP B 102 -23.34 18.64 -9.62
N GLN B 103 -22.39 17.93 -10.23
CA GLN B 103 -22.60 16.53 -10.58
C GLN B 103 -22.55 15.66 -9.33
N VAL B 104 -21.72 16.04 -8.36
CA VAL B 104 -21.61 15.31 -7.11
C VAL B 104 -22.86 15.54 -6.26
N ILE B 105 -23.34 16.78 -6.21
CA ILE B 105 -24.50 17.11 -5.38
C ILE B 105 -25.71 16.28 -5.81
N GLN B 106 -26.02 16.28 -7.11
CA GLN B 106 -27.14 15.49 -7.61
C GLN B 106 -26.93 14.00 -7.36
N SER B 107 -25.69 13.56 -7.19
CA SER B 107 -25.43 12.18 -6.78
C SER B 107 -25.63 12.00 -5.28
N LEU B 108 -25.52 13.06 -4.48
CA LEU B 108 -25.85 12.98 -3.06
C LEU B 108 -27.35 13.00 -2.84
N ILE B 109 -28.09 13.72 -3.69
CA ILE B 109 -29.53 13.75 -3.59
C ILE B 109 -30.10 12.35 -3.73
N ALA B 110 -29.57 11.56 -4.67
CA ALA B 110 -30.07 10.20 -4.88
C ALA B 110 -29.89 9.35 -3.63
N LEU B 111 -28.77 9.52 -2.93
CA LEU B 111 -28.56 8.78 -1.69
C LEU B 111 -29.55 9.20 -0.62
N VAL B 112 -29.97 10.47 -0.63
CA VAL B 112 -30.95 10.94 0.34
C VAL B 112 -32.34 10.40 0.01
N ASN B 113 -32.74 10.55 -1.27
CA ASN B 113 -34.08 10.13 -1.68
C ASN B 113 -34.26 8.62 -1.49
N ASP B 114 -33.39 7.82 -2.09
CA ASP B 114 -33.46 6.36 -2.02
C ASP B 114 -32.19 5.84 -1.36
N PRO B 115 -32.17 5.72 -0.03
CA PRO B 115 -31.00 5.19 0.66
C PRO B 115 -30.70 3.75 0.24
N GLN B 116 -29.53 3.26 0.65
CA GLN B 116 -29.18 1.88 0.39
C GLN B 116 -28.48 1.28 1.60
N PRO B 117 -29.06 0.23 2.20
CA PRO B 117 -28.53 -0.31 3.46
C PRO B 117 -27.47 -1.40 3.31
N GLU B 118 -27.13 -1.80 2.08
CA GLU B 118 -26.15 -2.87 1.91
C GLU B 118 -24.78 -2.48 2.46
N HIS B 119 -24.45 -1.20 2.41
CA HIS B 119 -23.18 -0.69 2.92
C HIS B 119 -23.44 0.59 3.68
N PRO B 120 -23.91 0.47 4.93
CA PRO B 120 -24.33 1.65 5.69
C PRO B 120 -23.27 2.18 6.64
N LEU B 121 -23.46 3.41 7.12
CA LEU B 121 -22.64 3.93 8.20
C LEU B 121 -23.25 3.63 9.56
N ARG B 122 -24.57 3.52 9.63
CA ARG B 122 -25.29 3.18 10.86
C ARG B 122 -26.12 1.94 10.57
N ALA B 123 -25.57 0.77 10.91
CA ALA B 123 -26.23 -0.49 10.59
C ALA B 123 -27.59 -0.59 11.26
N ASP B 124 -27.73 -0.02 12.45
CA ASP B 124 -29.01 -0.09 13.18
C ASP B 124 -30.12 0.54 12.37
N LEU B 125 -29.89 1.74 11.81
CA LEU B 125 -30.91 2.37 10.99
C LEU B 125 -31.04 1.66 9.65
N ALA B 126 -29.99 0.98 9.19
CA ALA B 126 -30.08 0.22 7.95
C ALA B 126 -31.00 -0.98 8.11
N GLU B 127 -30.95 -1.64 9.27
CA GLU B 127 -31.86 -2.74 9.54
C GLU B 127 -33.30 -2.24 9.62
N GLU B 128 -33.51 -1.11 10.30
CA GLU B 128 -34.86 -0.58 10.46
C GLU B 128 -35.47 -0.21 9.11
N TYR B 129 -34.66 0.31 8.18
CA TYR B 129 -35.21 0.72 6.90
C TYR B 129 -35.67 -0.46 6.06
N SER B 130 -35.01 -1.61 6.19
CA SER B 130 -35.33 -2.79 5.39
CA SER B 130 -35.34 -2.78 5.39
C SER B 130 -36.41 -3.66 6.03
N LYS B 131 -36.43 -3.76 7.36
CA LYS B 131 -37.38 -4.62 8.03
C LYS B 131 -38.66 -3.88 8.42
N ASP B 132 -38.54 -2.74 9.08
CA ASP B 132 -39.69 -2.00 9.60
C ASP B 132 -39.69 -0.61 8.96
N ARG B 133 -40.15 -0.54 7.71
CA ARG B 133 -40.11 0.70 6.96
C ARG B 133 -40.96 1.78 7.62
N LYS B 134 -42.14 1.41 8.12
CA LYS B 134 -43.04 2.40 8.69
C LYS B 134 -42.46 3.01 9.97
N LYS B 135 -41.74 2.22 10.76
CA LYS B 135 -41.05 2.77 11.91
C LYS B 135 -39.94 3.73 11.49
N PHE B 136 -39.31 3.45 10.35
CA PHE B 136 -38.27 4.34 9.84
C PHE B 136 -38.85 5.64 9.33
N CYS B 137 -39.82 5.57 8.43
CA CYS B 137 -40.44 6.78 7.88
C CYS B 137 -41.12 7.62 8.95
N LYS B 138 -41.29 7.10 10.17
CA LYS B 138 -41.84 7.91 11.25
C LYS B 138 -40.74 8.54 12.10
N ASN B 139 -39.68 7.78 12.40
CA ASN B 139 -38.55 8.34 13.13
C ASN B 139 -37.87 9.44 12.34
N ALA B 140 -37.57 9.18 11.07
CA ALA B 140 -36.97 10.20 10.22
C ALA B 140 -37.94 11.34 9.95
N GLU B 141 -39.24 11.07 10.04
CA GLU B 141 -40.22 12.15 9.98
C GLU B 141 -40.06 13.08 11.18
N GLU B 142 -40.06 12.52 12.39
CA GLU B 142 -39.91 13.33 13.58
C GLU B 142 -38.51 13.91 13.69
N PHE B 143 -37.50 13.23 13.12
CA PHE B 143 -36.14 13.73 13.21
C PHE B 143 -35.90 14.91 12.26
N THR B 144 -36.67 14.98 11.18
CA THR B 144 -36.59 16.14 10.28
C THR B 144 -37.28 17.36 10.88
N LYS B 145 -38.42 17.14 11.56
CA LYS B 145 -39.15 18.26 12.13
C LYS B 145 -38.35 18.96 13.23
N LYS B 146 -37.67 18.17 14.08
CA LYS B 146 -37.03 18.73 15.26
C LYS B 146 -35.73 19.44 14.91
N TYR B 147 -34.86 18.78 14.15
CA TYR B 147 -33.52 19.31 13.87
C TYR B 147 -33.40 19.97 12.50
N GLY B 148 -34.23 19.59 11.54
CA GLY B 148 -34.09 20.13 10.20
C GLY B 148 -34.55 21.57 10.12
N GLU B 149 -33.81 22.36 9.34
CA GLU B 149 -34.13 23.77 9.16
C GLU B 149 -35.21 23.93 8.10
N LYS B 150 -35.90 25.07 8.14
CA LYS B 150 -37.06 25.30 7.29
C LYS B 150 -36.66 25.33 5.82
N ARG B 151 -37.61 24.95 4.96
CA ARG B 151 -37.40 24.92 3.53
C ARG B 151 -37.46 26.34 2.95
N PRO B 152 -36.70 26.61 1.89
CA PRO B 152 -36.76 27.94 1.28
C PRO B 152 -38.09 28.20 0.61
N VAL B 153 -38.42 29.49 0.48
CA VAL B 153 -39.70 29.91 -0.10
C VAL B 153 -39.78 29.46 -1.55
N ASP B 154 -38.94 30.05 -2.40
CA ASP B 154 -38.92 29.70 -3.81
C ASP B 154 -37.59 30.08 -4.46
N GLY C 8 -42.09 -9.96 -27.03
CA GLY C 8 -43.38 -10.13 -27.67
C GLY C 8 -43.55 -9.30 -28.93
N SER C 9 -42.44 -9.04 -29.62
CA SER C 9 -42.40 -8.24 -30.84
C SER C 9 -43.00 -6.85 -30.64
N HIS C 10 -43.00 -6.36 -29.39
CA HIS C 10 -43.47 -5.02 -29.09
C HIS C 10 -42.34 -3.99 -29.14
N MET C 11 -41.12 -4.41 -28.80
CA MET C 11 -39.95 -3.54 -28.82
C MET C 11 -38.73 -4.38 -29.14
N GLN C 12 -37.86 -3.84 -30.00
CA GLN C 12 -36.59 -4.46 -30.35
C GLN C 12 -35.49 -3.45 -30.09
N ILE C 13 -34.56 -3.80 -29.19
CA ILE C 13 -33.49 -2.90 -28.77
C ILE C 13 -32.16 -3.62 -28.88
N PHE C 14 -31.09 -2.83 -28.94
CA PHE C 14 -29.73 -3.33 -28.99
C PHE C 14 -28.97 -2.89 -27.75
N VAL C 15 -28.10 -3.75 -27.25
CA VAL C 15 -27.28 -3.46 -26.08
C VAL C 15 -25.83 -3.84 -26.38
N ARG C 16 -24.92 -2.90 -26.19
CA ARG C 16 -23.49 -3.14 -26.41
C ARG C 16 -22.86 -3.63 -25.12
N THR C 17 -22.16 -4.76 -25.20
CA THR C 17 -21.59 -5.39 -24.02
C THR C 17 -20.24 -4.77 -23.68
N LEU C 18 -19.61 -5.29 -22.63
CA LEU C 18 -18.28 -4.80 -22.24
C LEU C 18 -17.24 -5.18 -23.29
N THR C 19 -17.32 -6.38 -23.83
CA THR C 19 -16.43 -6.80 -24.90
C THR C 19 -16.76 -6.15 -26.22
N GLY C 20 -17.70 -5.21 -26.28
CA GLY C 20 -18.04 -4.55 -27.51
C GLY C 20 -19.06 -5.26 -28.37
N ARG C 21 -19.34 -6.53 -28.12
CA ARG C 21 -20.38 -7.22 -28.87
C ARG C 21 -21.73 -6.61 -28.56
N THR C 22 -22.52 -6.38 -29.61
CA THR C 22 -23.84 -5.77 -29.50
C THR C 22 -24.89 -6.85 -29.69
N ILE C 23 -25.57 -7.21 -28.60
CA ILE C 23 -26.59 -8.25 -28.64
C ILE C 23 -27.95 -7.58 -28.80
N THR C 24 -28.93 -8.36 -29.24
CA THR C 24 -30.27 -7.88 -29.54
C THR C 24 -31.25 -8.47 -28.54
N LEU C 25 -31.96 -7.59 -27.84
CA LEU C 25 -33.02 -7.98 -26.91
C LEU C 25 -34.38 -7.68 -27.52
N GLU C 26 -35.41 -8.28 -26.93
CA GLU C 26 -36.79 -8.00 -27.31
C GLU C 26 -37.59 -7.75 -26.04
N VAL C 27 -38.26 -6.60 -25.99
CA VAL C 27 -39.00 -6.19 -24.80
C VAL C 27 -40.30 -5.51 -25.22
N GLU C 28 -40.88 -4.73 -24.31
CA GLU C 28 -42.07 -3.95 -24.58
C GLU C 28 -41.85 -2.52 -24.10
N SER C 29 -42.60 -1.59 -24.69
CA SER C 29 -42.44 -0.18 -24.32
C SER C 29 -42.84 0.06 -22.87
N SER C 30 -43.76 -0.75 -22.35
CA SER C 30 -44.20 -0.63 -20.96
C SER C 30 -43.41 -1.52 -20.01
N ASP C 31 -42.29 -2.07 -20.46
CA ASP C 31 -41.47 -2.92 -19.60
C ASP C 31 -40.67 -2.08 -18.61
N THR C 32 -40.58 -2.57 -17.38
CA THR C 32 -39.77 -1.91 -16.38
C THR C 32 -38.30 -2.04 -16.73
N ILE C 33 -37.51 -1.05 -16.29
CA ILE C 33 -36.08 -1.09 -16.56
C ILE C 33 -35.41 -2.20 -15.77
N ASP C 34 -35.97 -2.55 -14.61
CA ASP C 34 -35.42 -3.67 -13.83
C ASP C 34 -35.55 -4.99 -14.58
N ASN C 35 -36.60 -5.14 -15.39
CA ASN C 35 -36.77 -6.34 -16.18
C ASN C 35 -35.62 -6.53 -17.16
N VAL C 36 -35.13 -5.42 -17.73
CA VAL C 36 -34.04 -5.51 -18.70
C VAL C 36 -32.75 -5.96 -18.03
N ARG C 37 -32.43 -5.38 -16.87
CA ARG C 37 -31.22 -5.76 -16.16
C ARG C 37 -31.24 -7.23 -15.74
N ALA C 38 -32.41 -7.86 -15.70
CA ALA C 38 -32.46 -9.29 -15.41
C ALA C 38 -32.23 -10.12 -16.67
N ARG C 39 -32.80 -9.71 -17.80
CA ARG C 39 -32.60 -10.46 -19.04
C ARG C 39 -31.12 -10.53 -19.42
N ILE C 40 -30.36 -9.48 -19.12
CA ILE C 40 -28.93 -9.50 -19.39
C ILE C 40 -28.26 -10.57 -18.54
N GLN C 41 -28.70 -10.73 -17.29
CA GLN C 41 -28.10 -11.73 -16.40
C GLN C 41 -28.29 -13.13 -16.96
N ASP C 42 -29.49 -13.44 -17.45
CA ASP C 42 -29.72 -14.74 -18.06
C ASP C 42 -28.96 -14.87 -19.38
N ARG C 43 -28.67 -13.75 -20.04
CA ARG C 43 -28.07 -13.77 -21.37
C ARG C 43 -26.55 -13.84 -21.30
N GLU C 44 -25.93 -12.89 -20.60
CA GLU C 44 -24.48 -12.77 -20.57
C GLU C 44 -23.85 -13.10 -19.22
N GLY C 45 -24.64 -13.19 -18.16
CA GLY C 45 -24.13 -13.63 -16.87
C GLY C 45 -23.66 -12.54 -15.94
N ILE C 46 -24.04 -11.30 -16.19
CA ILE C 46 -23.64 -10.17 -15.35
C ILE C 46 -24.77 -9.87 -14.39
N PRO C 47 -24.55 -9.93 -13.07
CA PRO C 47 -25.61 -9.63 -12.13
C PRO C 47 -26.14 -8.22 -12.32
N PRO C 48 -27.41 -7.98 -12.01
CA PRO C 48 -27.97 -6.64 -12.18
C PRO C 48 -27.40 -5.61 -11.22
N ASP C 49 -26.60 -6.02 -10.23
CA ASP C 49 -25.93 -5.05 -9.37
C ASP C 49 -24.71 -4.46 -10.05
N GLN C 50 -23.95 -5.28 -10.78
CA GLN C 50 -22.76 -4.84 -11.49
C GLN C 50 -23.07 -4.29 -12.87
N GLN C 51 -24.23 -3.66 -13.05
CA GLN C 51 -24.64 -3.13 -14.34
C GLN C 51 -24.88 -1.63 -14.26
N ARG C 52 -24.74 -0.98 -15.40
CA ARG C 52 -25.07 0.44 -15.54
C ARG C 52 -25.46 0.66 -16.99
N LEU C 53 -26.69 1.11 -17.21
CA LEU C 53 -27.22 1.31 -18.55
C LEU C 53 -27.22 2.79 -18.90
N ILE C 54 -26.68 3.12 -20.07
CA ILE C 54 -26.57 4.50 -20.53
C ILE C 54 -27.34 4.63 -21.85
N PHE C 55 -28.20 5.65 -21.94
CA PHE C 55 -28.91 5.95 -23.17
C PHE C 55 -28.90 7.45 -23.38
N ALA C 56 -28.53 7.88 -24.59
CA ALA C 56 -28.53 9.28 -25.00
C ALA C 56 -27.70 10.16 -24.07
N GLY C 57 -26.82 9.55 -23.27
CA GLY C 57 -25.95 10.32 -22.40
C GLY C 57 -26.16 10.09 -20.91
N ARG C 58 -27.41 10.00 -20.47
CA ARG C 58 -27.71 9.91 -19.06
C ARG C 58 -27.97 8.46 -18.64
N GLN C 59 -27.80 8.23 -17.34
CA GLN C 59 -27.86 6.88 -16.78
C GLN C 59 -29.29 6.39 -16.66
N LEU C 60 -29.50 5.11 -16.97
CA LEU C 60 -30.81 4.46 -16.86
C LEU C 60 -30.82 3.70 -15.53
N GLU C 61 -31.21 4.39 -14.47
CA GLU C 61 -31.30 3.76 -13.16
C GLU C 61 -32.52 2.84 -13.09
N ASP C 62 -32.42 1.81 -12.26
CA ASP C 62 -33.52 0.88 -12.08
C ASP C 62 -34.58 1.49 -11.17
N GLY C 63 -35.84 1.37 -11.59
CA GLY C 63 -36.94 1.96 -10.83
C GLY C 63 -37.96 2.63 -11.72
N ARG C 64 -37.55 3.00 -12.94
CA ARG C 64 -38.46 3.62 -13.89
C ARG C 64 -38.88 2.59 -14.95
N THR C 65 -39.21 3.08 -16.15
CA THR C 65 -39.61 2.20 -17.23
C THR C 65 -39.06 2.75 -18.54
N LEU C 66 -39.16 1.92 -19.59
CA LEU C 66 -38.66 2.32 -20.90
C LEU C 66 -39.43 3.51 -21.45
N ALA C 67 -40.69 3.66 -21.06
CA ALA C 67 -41.51 4.75 -21.60
C ALA C 67 -41.08 6.10 -21.05
N ASP C 68 -40.53 6.16 -19.84
CA ASP C 68 -40.12 7.42 -19.26
C ASP C 68 -39.01 8.08 -20.09
N TYR C 69 -38.11 7.27 -20.65
CA TYR C 69 -37.08 7.77 -21.54
C TYR C 69 -37.54 7.62 -22.98
N ASN C 70 -37.12 8.57 -23.82
CA ASN C 70 -37.50 8.54 -25.23
C ASN C 70 -36.79 7.42 -25.96
N ILE C 71 -37.13 6.19 -25.65
CA ILE C 71 -36.47 5.01 -26.20
C ILE C 71 -37.45 4.34 -27.16
N GLN C 72 -37.27 4.59 -28.46
CA GLN C 72 -38.14 4.03 -29.48
C GLN C 72 -37.60 2.67 -29.93
N ARG C 73 -38.19 2.11 -30.96
CA ARG C 73 -37.74 0.83 -31.49
C ARG C 73 -36.39 0.98 -32.17
N GLU C 74 -35.65 -0.14 -32.23
CA GLU C 74 -34.35 -0.20 -32.90
C GLU C 74 -33.37 0.82 -32.32
N SER C 75 -33.39 0.97 -31.00
CA SER C 75 -32.51 1.90 -30.31
C SER C 75 -31.29 1.16 -29.76
N THR C 76 -30.21 1.91 -29.58
CA THR C 76 -28.95 1.38 -29.07
C THR C 76 -28.79 1.72 -27.60
N LEU C 77 -28.27 0.76 -26.83
CA LEU C 77 -28.13 0.92 -25.40
C LEU C 77 -26.73 0.45 -24.98
N HIS C 78 -26.07 1.21 -24.12
CA HIS C 78 -24.71 0.92 -23.72
C HIS C 78 -24.67 0.37 -22.29
N LEU C 79 -23.83 -0.64 -22.08
CA LEU C 79 -23.66 -1.28 -20.79
C LEU C 79 -22.28 -0.90 -20.24
N VAL C 80 -22.29 -0.19 -19.10
CA VAL C 80 -21.06 0.32 -18.50
C VAL C 80 -20.92 -0.29 -17.11
N LEU C 81 -19.70 -0.24 -16.59
CA LEU C 81 -19.44 -0.72 -15.24
C LEU C 81 -19.96 0.26 -14.20
N ARG C 82 -20.33 -0.27 -13.03
CA ARG C 82 -20.80 0.54 -11.93
C ARG C 82 -19.65 0.82 -10.97
N LEU C 83 -19.79 1.91 -10.21
CA LEU C 83 -18.69 2.41 -9.40
C LEU C 83 -18.21 1.38 -8.37
N ARG C 84 -16.90 1.36 -8.15
CA ARG C 84 -16.29 0.33 -7.32
C ARG C 84 -16.42 0.66 -5.84
N GLY C 85 -16.46 -0.39 -5.03
CA GLY C 85 -16.39 -0.35 -3.58
C GLY C 85 -16.87 0.86 -2.80
N GLY C 86 -18.17 1.14 -2.84
CA GLY C 86 -18.72 2.27 -2.10
C GLY C 86 -19.07 1.94 -0.66
ZN ZN D . 30.21 5.60 36.64
ZN ZN E . 26.07 -8.02 30.00
ZN ZN F . -6.11 21.23 -18.34
ZN ZN G . -11.93 8.73 -21.40
ZN ZN H . 17.71 -3.04 -4.62
ZN ZN I . 13.73 -15.96 4.84
#